data_6AR9
#
_entry.id   6AR9
#
_cell.length_a   61.309
_cell.length_b   107.338
_cell.length_c   117.354
_cell.angle_alpha   90.00
_cell.angle_beta   96.61
_cell.angle_gamma   90.00
#
_symmetry.space_group_name_H-M   'P 1 21 1'
#
loop_
_entity.id
_entity.type
_entity.pdbx_description
1 polymer 'Hypoxanthine-guanine phosphoribosyltransferase, putative'
2 polymer 'Hypoxanthine-guanine phosphoribosyltransferase, putative'
3 non-polymer '[(2-{[2-(2-amino-6-oxo-1,6-dihydro-9H-purin-9-yl)ethyl][(E)-2-phosphonoethenyl]amino}ethoxy)methyl]phosphonic acid'
4 non-polymer 'MAGNESIUM ION'
5 water water
#
loop_
_entity_poly.entity_id
_entity_poly.type
_entity_poly.pdbx_seq_one_letter_code
_entity_poly.pdbx_strand_id
1 'polypeptide(L)'
;MGSSHHHHHHDYDIPTTENLYFQGHMASMTGGQQMGRGSHSGHPLKPNFVGRDADGNVTVDGRSYPMAESVVATESTIHR
SMKEMAQTLANAYKTLKHRDTHNKGNSALAPITDENPLIIISVLKGSYIFTADMVRYLGD(CSO)GLPNVVDFIRITSYR
GTTKSSGTVQVLDNLRFTELTGKHVLIMEDIADTGRTMKLLVEKIRREYRPASLKVCVLVDKPGGRVVDFKPEFVCLTAP
TRYVVGYGFEVNDRYRNYRHVFVLKPEYAKRYPSKL
;
A,C,D,E,F
2 'polypeptide(L)'
;MGSSHHHHHHDYDIPTTENLYFQGHMASMTGGQQMGRGSHSGHPLKPNFVGRDADGNVTVDGRSYPMAESVVATESTIHR
SMKEMAQTLANAYKTLKHRDTHNKGNSALAPITDENPLIIISVLKGSYIFTADMVRYLGDCGLPNVVDFIRITSYRGTTK
SSGTVQVLDNLRFTELTGKHVLIMEDIADTGRTMKLLVEKIRREYRPASLKVCVLVDKPGGRVVDFKPEFVCLTAPTRYV
VGYGFEVNDRYRNYRHVFVLKPEYAKRYPSKL
;
B
#
# COMPACT_ATOMS: atom_id res chain seq x y z
N LYS A 46 -3.48 -4.57 2.70
CA LYS A 46 -3.42 -4.39 4.14
C LYS A 46 -4.82 -4.41 4.75
N PRO A 47 -5.19 -5.51 5.40
CA PRO A 47 -6.52 -5.60 6.01
C PRO A 47 -6.63 -4.68 7.22
N ASN A 48 -7.70 -3.88 7.24
CA ASN A 48 -7.95 -2.93 8.32
C ASN A 48 -8.88 -3.54 9.36
N PHE A 49 -8.68 -3.14 10.61
CA PHE A 49 -9.46 -3.64 11.74
C PHE A 49 -10.33 -2.52 12.27
N VAL A 50 -11.64 -2.74 12.28
CA VAL A 50 -12.60 -1.76 12.79
C VAL A 50 -13.01 -2.19 14.20
N GLY A 51 -12.99 -1.23 15.13
CA GLY A 51 -13.41 -1.49 16.49
C GLY A 51 -13.94 -0.26 17.20
N ARG A 52 -13.93 -0.25 18.53
CA ARG A 52 -14.33 0.89 19.32
C ARG A 52 -13.34 1.08 20.46
N ASP A 53 -13.08 2.34 20.82
CA ASP A 53 -12.17 2.63 21.92
C ASP A 53 -12.94 2.61 23.25
N ALA A 54 -12.27 3.01 24.33
CA ALA A 54 -12.91 3.00 25.64
C ALA A 54 -14.05 4.02 25.72
N ASP A 55 -13.96 5.11 24.97
CA ASP A 55 -15.00 6.12 24.96
C ASP A 55 -16.18 5.75 24.07
N GLY A 56 -16.07 4.68 23.30
CA GLY A 56 -17.15 4.28 22.41
C GLY A 56 -17.03 4.82 21.00
N ASN A 57 -15.93 5.46 20.65
CA ASN A 57 -15.74 6.01 19.32
C ASN A 57 -15.21 4.94 18.37
N VAL A 58 -15.61 5.04 17.10
CA VAL A 58 -15.14 4.12 16.08
C VAL A 58 -13.62 4.24 15.94
N THR A 59 -12.96 3.10 15.80
CA THR A 59 -11.53 3.05 15.53
C THR A 59 -11.26 2.22 14.29
N VAL A 60 -10.27 2.63 13.51
CA VAL A 60 -9.77 1.84 12.40
C VAL A 60 -8.26 1.69 12.59
N ASP A 61 -7.81 0.45 12.79
CA ASP A 61 -6.40 0.16 13.07
C ASP A 61 -5.92 0.95 14.29
N GLY A 62 -6.74 0.98 15.33
CA GLY A 62 -6.37 1.62 16.58
C GLY A 62 -6.51 3.12 16.63
N ARG A 63 -6.75 3.78 15.49
CA ARG A 63 -6.90 5.23 15.45
C ARG A 63 -8.36 5.59 15.66
N SER A 64 -8.63 6.48 16.61
CA SER A 64 -10.00 6.86 16.95
C SER A 64 -10.52 7.90 15.97
N TYR A 65 -11.79 7.79 15.61
CA TYR A 65 -12.47 8.73 14.72
C TYR A 65 -13.75 9.20 15.42
N PRO A 66 -13.67 10.22 16.27
CA PRO A 66 -14.85 10.62 17.04
C PRO A 66 -15.99 11.14 16.19
N MET A 67 -15.73 11.58 14.96
CA MET A 67 -16.78 12.09 14.08
C MET A 67 -17.56 10.98 13.39
N ALA A 68 -17.09 9.73 13.46
CA ALA A 68 -17.64 8.65 12.67
C ALA A 68 -18.71 7.89 13.45
N GLU A 69 -19.88 7.73 12.82
CA GLU A 69 -20.92 6.89 13.39
C GLU A 69 -20.68 5.41 13.06
N SER A 70 -20.17 5.13 11.87
CA SER A 70 -19.89 3.78 11.42
C SER A 70 -18.90 3.85 10.26
N VAL A 71 -18.47 2.68 9.79
CA VAL A 71 -17.50 2.58 8.70
C VAL A 71 -18.25 2.12 7.45
N VAL A 72 -18.18 2.92 6.39
CA VAL A 72 -18.72 2.52 5.10
C VAL A 72 -17.75 1.58 4.39
N ALA A 73 -16.47 1.96 4.34
CA ALA A 73 -15.45 1.13 3.69
C ALA A 73 -14.08 1.55 4.19
N THR A 74 -13.26 0.58 4.59
CA THR A 74 -11.90 0.86 4.99
C THR A 74 -11.02 1.05 3.75
N GLU A 75 -9.77 1.45 3.99
CA GLU A 75 -8.87 1.77 2.88
C GLU A 75 -8.65 0.57 1.97
N SER A 76 -8.48 -0.62 2.56
CA SER A 76 -8.26 -1.81 1.73
C SER A 76 -9.48 -2.12 0.88
N THR A 77 -10.68 -2.01 1.48
CA THR A 77 -11.91 -2.19 0.70
C THR A 77 -11.98 -1.18 -0.44
N ILE A 78 -11.62 0.08 -0.16
CA ILE A 78 -11.68 1.12 -1.18
C ILE A 78 -10.71 0.80 -2.32
N HIS A 79 -9.45 0.52 -1.99
CA HIS A 79 -8.44 0.31 -3.03
C HIS A 79 -8.68 -0.99 -3.79
N ARG A 80 -9.25 -2.01 -3.13
CA ARG A 80 -9.59 -3.22 -3.85
C ARG A 80 -10.62 -2.95 -4.93
N SER A 81 -11.66 -2.17 -4.61
CA SER A 81 -12.67 -1.86 -5.62
C SER A 81 -12.11 -0.96 -6.71
N MET A 82 -11.16 -0.08 -6.37
CA MET A 82 -10.55 0.78 -7.38
C MET A 82 -9.64 -0.02 -8.31
N LYS A 83 -8.95 -1.03 -7.77
CA LYS A 83 -8.12 -1.90 -8.60
C LYS A 83 -8.98 -2.68 -9.59
N GLU A 84 -10.10 -3.22 -9.12
CA GLU A 84 -11.00 -3.95 -10.01
C GLU A 84 -11.65 -3.01 -11.01
N MET A 85 -11.97 -1.77 -10.58
CA MET A 85 -12.57 -0.81 -11.49
C MET A 85 -11.60 -0.40 -12.60
N ALA A 86 -10.31 -0.24 -12.27
CA ALA A 86 -9.33 0.08 -13.31
C ALA A 86 -9.26 -1.02 -14.36
N GLN A 87 -9.37 -2.27 -13.93
CA GLN A 87 -9.44 -3.38 -14.88
C GLN A 87 -10.70 -3.30 -15.73
N THR A 88 -11.84 -2.99 -15.11
CA THR A 88 -13.09 -2.82 -15.85
C THR A 88 -12.98 -1.67 -16.86
N LEU A 89 -12.37 -0.56 -16.45
CA LEU A 89 -12.22 0.57 -17.36
C LEU A 89 -11.24 0.26 -18.48
N ALA A 90 -10.13 -0.41 -18.15
CA ALA A 90 -9.17 -0.81 -19.18
C ALA A 90 -9.83 -1.71 -20.22
N ASN A 91 -10.62 -2.69 -19.77
CA ASN A 91 -11.27 -3.59 -20.72
C ASN A 91 -12.29 -2.87 -21.58
N ALA A 92 -12.98 -1.87 -21.02
CA ALA A 92 -14.04 -1.17 -21.74
C ALA A 92 -13.51 -0.18 -22.77
N TYR A 93 -12.25 0.26 -22.65
CA TYR A 93 -11.73 1.33 -23.50
C TYR A 93 -10.53 0.94 -24.35
N LYS A 94 -9.80 -0.14 -24.01
CA LYS A 94 -8.48 -0.36 -24.61
C LYS A 94 -8.56 -0.63 -26.11
N THR A 95 -9.67 -1.16 -26.60
CA THR A 95 -9.79 -1.49 -28.01
C THR A 95 -10.63 -0.49 -28.80
N LEU A 96 -11.14 0.56 -28.16
CA LEU A 96 -11.96 1.53 -28.86
C LEU A 96 -11.10 2.50 -29.67
N LYS A 97 -11.76 3.21 -30.59
CA LYS A 97 -11.09 4.17 -31.44
C LYS A 97 -11.85 5.49 -31.41
N HIS A 98 -11.12 6.58 -31.66
CA HIS A 98 -11.74 7.90 -31.67
C HIS A 98 -10.92 8.82 -32.58
N ARG A 99 -11.31 10.09 -32.62
CA ARG A 99 -10.72 11.03 -33.57
C ARG A 99 -9.24 11.25 -33.30
N ASP A 100 -8.45 11.25 -34.37
CA ASP A 100 -7.01 11.48 -34.28
C ASP A 100 -6.76 12.98 -34.27
N THR A 101 -6.34 13.51 -33.12
CA THR A 101 -5.88 14.89 -33.03
C THR A 101 -4.37 14.99 -32.89
N HIS A 102 -3.67 13.87 -32.70
CA HIS A 102 -2.21 13.90 -32.72
C HIS A 102 -1.71 14.25 -34.12
N ASN A 103 -2.23 13.57 -35.13
CA ASN A 103 -1.93 13.85 -36.53
C ASN A 103 -3.23 14.34 -37.18
N LYS A 104 -3.33 15.66 -37.37
CA LYS A 104 -4.56 16.23 -37.91
C LYS A 104 -4.72 15.92 -39.40
N GLY A 105 -3.64 15.50 -40.07
CA GLY A 105 -3.75 15.08 -41.46
C GLY A 105 -4.29 13.69 -41.67
N ASN A 106 -4.53 12.94 -40.60
CA ASN A 106 -5.08 11.59 -40.70
C ASN A 106 -6.60 11.65 -40.63
N SER A 107 -7.25 10.87 -41.49
CA SER A 107 -8.70 10.85 -41.55
C SER A 107 -9.33 9.65 -40.85
N ALA A 108 -8.59 8.56 -40.70
CA ALA A 108 -9.11 7.37 -40.03
C ALA A 108 -9.16 7.58 -38.52
N LEU A 109 -10.09 6.88 -37.88
CA LEU A 109 -10.13 6.85 -36.43
C LEU A 109 -8.86 6.21 -35.89
N ALA A 110 -8.48 6.61 -34.68
CA ALA A 110 -7.22 6.16 -34.11
C ALA A 110 -7.47 5.42 -32.79
N PRO A 111 -6.67 4.40 -32.50
CA PRO A 111 -6.81 3.69 -31.22
C PRO A 111 -6.39 4.60 -30.06
N ILE A 112 -6.73 4.16 -28.86
CA ILE A 112 -6.39 4.90 -27.65
C ILE A 112 -4.93 4.62 -27.32
N THR A 113 -4.08 5.61 -27.54
CA THR A 113 -2.63 5.52 -27.33
C THR A 113 -2.17 6.75 -26.58
N ASP A 114 -0.86 6.84 -26.35
CA ASP A 114 -0.32 8.10 -25.82
C ASP A 114 -0.52 9.25 -26.79
N GLU A 115 -0.64 8.94 -28.09
CA GLU A 115 -0.91 9.99 -29.07
C GLU A 115 -2.34 10.50 -28.97
N ASN A 116 -3.29 9.58 -28.77
CA ASN A 116 -4.71 9.94 -28.62
C ASN A 116 -5.26 9.21 -27.41
N PRO A 117 -5.00 9.71 -26.21
CA PRO A 117 -5.36 8.99 -25.00
C PRO A 117 -6.83 9.19 -24.62
N LEU A 118 -7.28 8.39 -23.66
CA LEU A 118 -8.58 8.60 -23.04
C LEU A 118 -8.58 9.95 -22.35
N ILE A 119 -9.65 10.72 -22.54
CA ILE A 119 -9.78 12.02 -21.88
C ILE A 119 -10.55 11.80 -20.58
N ILE A 120 -9.94 12.20 -19.47
CA ILE A 120 -10.55 12.08 -18.15
C ILE A 120 -10.84 13.48 -17.64
N ILE A 121 -12.09 13.72 -17.27
CA ILE A 121 -12.51 14.97 -16.64
C ILE A 121 -12.74 14.67 -15.16
N SER A 122 -11.89 15.25 -14.31
CA SER A 122 -11.97 15.07 -12.87
C SER A 122 -12.65 16.29 -12.25
N VAL A 123 -13.68 16.06 -11.44
CA VAL A 123 -14.50 17.13 -10.90
C VAL A 123 -13.93 17.55 -9.54
N LEU A 124 -13.43 18.77 -9.46
CA LEU A 124 -12.90 19.31 -8.21
C LEU A 124 -14.05 19.72 -7.28
N LYS A 125 -13.81 19.63 -5.97
CA LYS A 125 -12.53 19.24 -5.40
C LYS A 125 -12.51 17.80 -4.91
N GLY A 126 -13.69 17.23 -4.67
CA GLY A 126 -13.78 15.97 -3.95
C GLY A 126 -13.22 14.76 -4.68
N SER A 127 -13.00 14.87 -5.99
N SER A 127 -13.00 14.87 -5.99
CA SER A 127 -12.57 13.73 -6.79
CA SER A 127 -12.58 13.74 -6.80
C SER A 127 -11.07 13.69 -7.02
C SER A 127 -11.07 13.69 -7.03
N TYR A 128 -10.30 14.65 -6.50
CA TYR A 128 -8.88 14.73 -6.85
C TYR A 128 -8.08 13.59 -6.23
N ILE A 129 -8.41 13.18 -4.99
CA ILE A 129 -7.70 12.05 -4.39
C ILE A 129 -8.11 10.75 -5.08
N PHE A 130 -9.41 10.58 -5.32
CA PHE A 130 -9.92 9.45 -6.09
C PHE A 130 -9.23 9.37 -7.45
N THR A 131 -9.20 10.49 -8.18
CA THR A 131 -8.57 10.50 -9.49
C THR A 131 -7.09 10.13 -9.41
N ALA A 132 -6.37 10.70 -8.45
CA ALA A 132 -4.94 10.44 -8.33
C ALA A 132 -4.65 8.95 -8.17
N ASP A 133 -5.47 8.25 -7.39
CA ASP A 133 -5.28 6.82 -7.21
C ASP A 133 -5.68 6.05 -8.47
N MET A 134 -6.81 6.41 -9.07
CA MET A 134 -7.36 5.65 -10.19
C MET A 134 -6.45 5.74 -11.42
N VAL A 135 -5.93 6.92 -11.75
CA VAL A 135 -5.11 7.03 -12.95
C VAL A 135 -3.83 6.22 -12.80
N ARG A 136 -3.31 6.10 -11.58
CA ARG A 136 -2.16 5.25 -11.35
C ARG A 136 -2.52 3.78 -11.53
N TYR A 137 -3.73 3.39 -11.09
CA TYR A 137 -4.19 2.03 -11.33
C TYR A 137 -4.46 1.80 -12.81
N LEU A 138 -4.93 2.82 -13.52
CA LEU A 138 -5.10 2.70 -14.96
C LEU A 138 -3.76 2.52 -15.67
N GLY A 139 -2.72 3.20 -15.17
CA GLY A 139 -1.38 2.97 -15.69
C GLY A 139 -0.92 1.55 -15.47
N ASP A 140 -1.22 0.98 -14.30
CA ASP A 140 -0.96 -0.44 -14.04
C ASP A 140 -1.63 -1.30 -15.11
N GLY A 142 -2.29 -0.28 -18.09
CA GLY A 142 -1.78 0.12 -19.40
C GLY A 142 -2.76 0.89 -20.28
N LEU A 143 -3.67 1.64 -19.65
CA LEU A 143 -4.64 2.44 -20.39
C LEU A 143 -4.13 3.88 -20.46
N PRO A 144 -3.72 4.36 -21.63
CA PRO A 144 -3.23 5.75 -21.71
C PRO A 144 -4.36 6.74 -21.48
N ASN A 145 -4.06 7.77 -20.68
CA ASN A 145 -5.10 8.73 -20.31
C ASN A 145 -4.44 10.05 -19.96
N VAL A 146 -5.18 11.14 -20.14
CA VAL A 146 -4.80 12.46 -19.67
C VAL A 146 -5.97 13.03 -18.87
N VAL A 147 -5.65 13.85 -17.88
CA VAL A 147 -6.63 14.37 -16.93
C VAL A 147 -6.67 15.89 -17.01
N ASP A 148 -7.87 16.45 -17.16
CA ASP A 148 -8.14 17.85 -16.95
C ASP A 148 -9.20 17.99 -15.85
N PHE A 149 -9.22 19.14 -15.21
CA PHE A 149 -10.08 19.38 -14.07
C PHE A 149 -11.18 20.39 -14.42
N ILE A 150 -12.36 20.17 -13.85
CA ILE A 150 -13.45 21.12 -13.92
C ILE A 150 -14.02 21.28 -12.51
N ARG A 151 -14.47 22.48 -12.20
CA ARG A 151 -15.06 22.78 -10.92
C ARG A 151 -16.45 23.36 -11.15
N ILE A 152 -17.45 22.81 -10.46
CA ILE A 152 -18.84 23.20 -10.64
C ILE A 152 -19.48 23.40 -9.27
N THR A 153 -20.41 24.35 -9.21
CA THR A 153 -21.12 24.64 -7.97
C THR A 153 -22.38 23.80 -7.85
N VAL A 167 -20.58 26.18 -13.13
CA VAL A 167 -19.20 25.96 -13.53
C VAL A 167 -18.31 27.09 -13.02
N LEU A 168 -17.42 26.76 -12.09
CA LEU A 168 -16.50 27.73 -11.52
C LEU A 168 -15.17 27.78 -12.29
N ASP A 169 -14.57 26.62 -12.52
CA ASP A 169 -13.34 26.51 -13.30
C ASP A 169 -13.62 25.67 -14.54
N ASN A 170 -13.35 26.24 -15.71
CA ASN A 170 -13.63 25.56 -16.97
C ASN A 170 -12.46 24.67 -17.37
N LEU A 171 -12.73 23.75 -18.29
CA LEU A 171 -11.68 22.90 -18.82
C LEU A 171 -10.70 23.71 -19.65
N ARG A 172 -9.43 23.29 -19.60
CA ARG A 172 -8.44 23.85 -20.52
C ARG A 172 -8.30 23.01 -21.79
N PHE A 173 -8.62 21.72 -21.73
CA PHE A 173 -8.70 20.92 -22.95
C PHE A 173 -9.75 21.48 -23.88
N THR A 174 -9.42 21.53 -25.18
CA THR A 174 -10.33 22.05 -26.18
C THR A 174 -10.75 21.05 -27.25
N GLU A 175 -10.06 19.92 -27.37
CA GLU A 175 -10.33 18.95 -28.45
C GLU A 175 -10.97 17.71 -27.84
N LEU A 176 -12.27 17.82 -27.54
CA LEU A 176 -13.05 16.71 -27.00
C LEU A 176 -14.04 16.14 -28.01
N THR A 177 -14.24 16.80 -29.14
CA THR A 177 -15.19 16.33 -30.15
C THR A 177 -14.72 14.99 -30.72
N GLY A 178 -15.62 14.02 -30.78
CA GLY A 178 -15.28 12.71 -31.29
C GLY A 178 -14.24 11.97 -30.48
N LYS A 179 -14.03 12.35 -29.22
CA LYS A 179 -13.14 11.65 -28.33
C LYS A 179 -13.93 10.82 -27.32
N HIS A 180 -13.28 9.79 -26.78
CA HIS A 180 -13.83 9.06 -25.65
C HIS A 180 -13.46 9.80 -24.37
N VAL A 181 -14.47 10.25 -23.63
CA VAL A 181 -14.28 11.10 -22.45
C VAL A 181 -14.91 10.40 -21.25
N LEU A 182 -14.15 10.32 -20.15
CA LEU A 182 -14.58 9.65 -18.93
C LEU A 182 -14.60 10.67 -17.80
N ILE A 183 -15.76 10.88 -17.21
CA ILE A 183 -15.88 11.76 -16.06
C ILE A 183 -15.58 10.96 -14.80
N MET A 184 -14.75 11.51 -13.92
N MET A 184 -14.72 11.51 -13.94
CA MET A 184 -14.38 10.87 -12.66
CA MET A 184 -14.37 10.90 -12.67
C MET A 184 -14.88 11.74 -11.51
C MET A 184 -14.92 11.79 -11.55
N GLU A 185 -15.95 11.30 -10.86
CA GLU A 185 -16.60 12.04 -9.80
C GLU A 185 -16.56 11.23 -8.51
N ASP A 186 -16.58 11.93 -7.37
CA ASP A 186 -16.48 11.24 -6.10
C ASP A 186 -17.78 10.52 -5.73
N ILE A 187 -18.93 11.16 -5.95
CA ILE A 187 -20.19 10.62 -5.48
C ILE A 187 -21.33 11.07 -6.39
N ALA A 188 -22.33 10.21 -6.51
CA ALA A 188 -23.60 10.52 -7.15
C ALA A 188 -24.70 10.33 -6.10
N ASP A 189 -25.37 11.43 -5.74
CA ASP A 189 -26.39 11.39 -4.70
C ASP A 189 -27.73 11.68 -5.35
N THR A 190 -28.16 12.94 -5.45
CA THR A 190 -29.40 13.26 -6.14
C THR A 190 -29.30 13.06 -7.65
N GLY A 191 -28.09 12.85 -8.18
CA GLY A 191 -27.90 12.69 -9.60
C GLY A 191 -27.88 13.98 -10.40
N ARG A 192 -28.14 15.12 -9.75
CA ARG A 192 -28.26 16.39 -10.44
C ARG A 192 -26.94 16.84 -11.04
N THR A 193 -25.93 17.02 -10.19
CA THR A 193 -24.61 17.48 -10.62
C THR A 193 -24.11 16.77 -11.87
N MET A 194 -24.21 15.44 -11.89
CA MET A 194 -23.73 14.70 -13.05
C MET A 194 -24.69 14.79 -14.22
N LYS A 195 -26.00 14.83 -13.96
CA LYS A 195 -26.97 15.03 -15.02
C LYS A 195 -26.68 16.32 -15.79
N LEU A 196 -26.48 17.42 -15.07
CA LEU A 196 -26.18 18.69 -15.71
C LEU A 196 -24.83 18.66 -16.42
N LEU A 197 -23.83 18.01 -15.80
CA LEU A 197 -22.50 17.99 -16.38
C LEU A 197 -22.44 17.14 -17.65
N VAL A 198 -23.13 15.99 -17.65
CA VAL A 198 -23.21 15.17 -18.85
C VAL A 198 -23.86 15.95 -19.99
N GLU A 199 -24.94 16.67 -19.69
CA GLU A 199 -25.62 17.46 -20.72
C GLU A 199 -24.73 18.57 -21.26
N LYS A 200 -23.96 19.22 -20.38
CA LYS A 200 -23.15 20.35 -20.83
C LYS A 200 -22.00 19.89 -21.70
N ILE A 201 -21.31 18.82 -21.32
CA ILE A 201 -20.20 18.31 -22.12
C ILE A 201 -20.71 17.77 -23.45
N ARG A 202 -21.84 17.07 -23.44
CA ARG A 202 -22.40 16.54 -24.67
C ARG A 202 -22.76 17.65 -25.64
N ARG A 203 -23.36 18.73 -25.13
CA ARG A 203 -23.80 19.82 -26.00
C ARG A 203 -22.61 20.64 -26.50
N GLU A 204 -21.66 20.93 -25.61
CA GLU A 204 -20.55 21.81 -25.96
C GLU A 204 -19.51 21.13 -26.84
N TYR A 205 -19.34 19.80 -26.74
CA TYR A 205 -18.22 19.15 -27.41
C TYR A 205 -18.64 18.02 -28.34
N ARG A 206 -19.76 17.36 -28.04
CA ARG A 206 -20.22 16.16 -28.73
C ARG A 206 -19.09 15.12 -28.83
N PRO A 207 -18.66 14.55 -27.71
CA PRO A 207 -17.61 13.52 -27.77
C PRO A 207 -18.15 12.23 -28.39
N ALA A 208 -17.21 11.34 -28.73
CA ALA A 208 -17.61 10.03 -29.26
C ALA A 208 -18.36 9.21 -28.23
N SER A 209 -17.90 9.26 -26.97
CA SER A 209 -18.63 8.65 -25.88
C SER A 209 -18.35 9.43 -24.61
N LEU A 210 -19.36 9.50 -23.74
CA LEU A 210 -19.28 10.22 -22.48
C LEU A 210 -19.85 9.32 -21.40
N LYS A 211 -19.03 8.92 -20.44
CA LYS A 211 -19.44 8.03 -19.37
C LYS A 211 -18.95 8.56 -18.04
N VAL A 212 -19.58 8.10 -16.97
CA VAL A 212 -19.31 8.59 -15.61
C VAL A 212 -18.84 7.42 -14.77
N CYS A 213 -17.71 7.60 -14.09
CA CYS A 213 -17.22 6.66 -13.08
C CYS A 213 -17.23 7.38 -11.74
N VAL A 214 -17.99 6.84 -10.79
CA VAL A 214 -18.04 7.42 -9.45
C VAL A 214 -17.36 6.48 -8.47
N LEU A 215 -16.71 7.06 -7.46
CA LEU A 215 -16.18 6.26 -6.37
C LEU A 215 -17.30 5.68 -5.52
N VAL A 216 -18.31 6.51 -5.22
CA VAL A 216 -19.42 6.12 -4.36
C VAL A 216 -20.72 6.45 -5.08
N ASP A 217 -21.64 5.50 -5.12
CA ASP A 217 -22.99 5.75 -5.60
C ASP A 217 -23.95 5.67 -4.42
N LYS A 218 -24.77 6.71 -4.26
CA LYS A 218 -25.85 6.70 -3.29
C LYS A 218 -27.17 6.67 -4.05
N PRO A 219 -27.59 5.50 -4.56
CA PRO A 219 -28.81 5.47 -5.39
C PRO A 219 -30.06 5.82 -4.63
N GLY A 220 -30.08 5.66 -3.31
CA GLY A 220 -31.26 5.99 -2.53
C GLY A 220 -31.58 7.46 -2.44
N GLY A 221 -30.69 8.32 -2.92
CA GLY A 221 -30.89 9.74 -2.87
C GLY A 221 -31.30 10.40 -4.17
N ARG A 222 -31.63 9.62 -5.20
CA ARG A 222 -31.91 10.18 -6.52
C ARG A 222 -33.18 11.02 -6.51
N VAL A 223 -33.08 12.24 -7.01
CA VAL A 223 -34.25 13.03 -7.38
C VAL A 223 -34.39 13.18 -8.88
N VAL A 224 -33.32 12.94 -9.65
CA VAL A 224 -33.37 12.91 -11.11
C VAL A 224 -32.84 11.57 -11.57
N ASP A 225 -33.12 11.25 -12.84
CA ASP A 225 -32.73 9.97 -13.43
C ASP A 225 -31.29 10.04 -13.91
N PHE A 226 -30.35 9.52 -13.11
CA PHE A 226 -28.98 9.44 -13.57
C PHE A 226 -28.36 8.13 -13.09
N LYS A 227 -27.72 7.43 -14.01
CA LYS A 227 -27.08 6.14 -13.71
C LYS A 227 -25.63 6.19 -14.19
N PRO A 228 -24.66 6.27 -13.28
CA PRO A 228 -23.26 6.24 -13.72
C PRO A 228 -22.90 4.85 -14.25
N GLU A 229 -22.13 4.84 -15.34
CA GLU A 229 -21.79 3.58 -15.99
C GLU A 229 -20.93 2.71 -15.09
N PHE A 230 -20.05 3.32 -14.30
CA PHE A 230 -19.11 2.57 -13.46
C PHE A 230 -19.16 3.10 -12.04
N VAL A 231 -19.28 2.17 -11.09
CA VAL A 231 -19.43 2.49 -9.67
C VAL A 231 -18.47 1.61 -8.88
N CYS A 232 -17.59 2.24 -8.10
CA CYS A 232 -16.68 1.47 -7.26
C CYS A 232 -17.40 0.95 -6.02
N LEU A 233 -18.08 1.82 -5.29
CA LEU A 233 -18.73 1.47 -4.03
C LEU A 233 -20.13 2.05 -3.99
N THR A 234 -21.02 1.37 -3.28
CA THR A 234 -22.36 1.87 -3.02
C THR A 234 -22.48 2.20 -1.54
N ALA A 235 -23.14 3.31 -1.24
CA ALA A 235 -23.27 3.77 0.13
C ALA A 235 -24.73 3.86 0.53
N PRO A 236 -25.04 3.73 1.82
CA PRO A 236 -26.40 4.02 2.27
C PRO A 236 -26.70 5.50 2.16
N THR A 237 -28.00 5.82 2.21
CA THR A 237 -28.43 7.20 2.08
C THR A 237 -28.07 8.00 3.33
N ARG A 238 -26.77 8.12 3.60
CA ARG A 238 -26.27 8.89 4.72
C ARG A 238 -25.20 9.85 4.20
N TYR A 239 -24.88 10.84 5.02
CA TYR A 239 -23.79 11.75 4.69
C TYR A 239 -22.47 11.11 5.11
N VAL A 240 -21.57 10.94 4.15
CA VAL A 240 -20.30 10.25 4.39
C VAL A 240 -19.17 11.27 4.42
N VAL A 241 -18.09 10.90 5.10
CA VAL A 241 -16.87 11.70 5.15
C VAL A 241 -15.67 10.76 5.00
N GLY A 242 -14.54 11.34 4.68
CA GLY A 242 -13.31 10.59 4.51
C GLY A 242 -13.03 10.29 3.05
N TYR A 243 -11.74 10.18 2.72
CA TYR A 243 -11.24 9.85 1.39
C TYR A 243 -11.96 10.69 0.31
N GLY A 244 -11.71 12.00 0.37
CA GLY A 244 -12.30 12.95 -0.56
C GLY A 244 -13.54 13.65 -0.02
N PHE A 245 -14.35 12.96 0.78
CA PHE A 245 -15.56 13.52 1.34
C PHE A 245 -15.27 14.25 2.64
N GLU A 246 -16.02 15.33 2.88
CA GLU A 246 -15.67 16.27 3.93
C GLU A 246 -16.90 16.96 4.49
N VAL A 247 -16.67 17.70 5.59
CA VAL A 247 -17.58 18.73 6.07
C VAL A 247 -16.76 20.00 6.23
N ASN A 248 -17.03 21.01 5.40
CA ASN A 248 -16.23 22.23 5.34
C ASN A 248 -14.74 21.89 5.20
N ASP A 249 -14.46 20.96 4.29
CA ASP A 249 -13.11 20.52 3.92
C ASP A 249 -12.42 19.67 4.99
N ARG A 250 -13.04 19.54 6.16
CA ARG A 250 -12.48 18.68 7.20
C ARG A 250 -12.70 17.21 6.88
N TYR A 251 -11.73 16.38 7.25
CA TYR A 251 -11.73 14.92 7.12
C TYR A 251 -11.50 14.43 5.70
N ARG A 252 -11.22 15.34 4.75
CA ARG A 252 -11.05 14.93 3.36
C ARG A 252 -9.88 13.98 3.17
N ASN A 253 -8.83 14.12 3.99
CA ASN A 253 -7.60 13.34 3.83
C ASN A 253 -7.61 12.04 4.61
N TYR A 254 -8.74 11.62 5.17
CA TYR A 254 -8.79 10.35 5.88
C TYR A 254 -8.82 9.20 4.88
N ARG A 255 -8.27 8.07 5.29
CA ARG A 255 -8.10 6.93 4.39
C ARG A 255 -9.32 6.03 4.32
N HIS A 256 -10.33 6.24 5.14
CA HIS A 256 -11.52 5.40 5.16
C HIS A 256 -12.76 6.27 5.02
N VAL A 257 -13.84 5.66 4.52
CA VAL A 257 -15.11 6.34 4.35
C VAL A 257 -16.01 5.97 5.51
N PHE A 258 -16.46 6.98 6.25
CA PHE A 258 -17.33 6.80 7.40
C PHE A 258 -18.68 7.46 7.16
N VAL A 259 -19.69 6.98 7.88
CA VAL A 259 -20.93 7.75 8.03
C VAL A 259 -20.71 8.76 9.14
N LEU A 260 -20.95 10.03 8.84
CA LEU A 260 -20.75 11.08 9.84
C LEU A 260 -21.85 11.05 10.88
N LYS A 261 -21.49 11.34 12.13
CA LYS A 261 -22.48 11.49 13.17
C LYS A 261 -23.32 12.74 12.89
N PRO A 262 -24.64 12.65 13.02
CA PRO A 262 -25.49 13.84 12.77
C PRO A 262 -25.08 15.05 13.60
N GLU A 263 -24.52 14.85 14.79
CA GLU A 263 -24.09 15.96 15.63
C GLU A 263 -22.88 16.70 15.05
N TYR A 264 -22.22 16.15 14.02
CA TYR A 264 -21.09 16.79 13.39
C TYR A 264 -21.44 17.47 12.08
N ALA A 265 -22.73 17.52 11.73
CA ALA A 265 -23.12 18.02 10.41
C ALA A 265 -22.77 19.50 10.24
N LYS A 266 -23.01 20.31 11.27
CA LYS A 266 -22.72 21.74 11.21
C LYS A 266 -21.67 22.14 12.23
N ARG A 267 -20.62 21.34 12.36
CA ARG A 267 -19.58 21.59 13.36
C ARG A 267 -18.64 22.72 12.96
N TYR A 268 -18.40 22.92 11.67
CA TYR A 268 -17.47 23.94 11.17
C TYR A 268 -18.22 24.86 10.21
N PRO A 269 -19.00 25.83 10.73
CA PRO A 269 -19.77 26.70 9.85
C PRO A 269 -19.01 27.90 9.31
N SER A 270 -17.85 28.23 9.86
CA SER A 270 -17.15 29.44 9.47
C SER A 270 -16.53 29.30 8.07
N LYS A 271 -16.63 30.37 7.28
CA LYS A 271 -16.07 30.39 5.94
C LYS A 271 -14.55 30.22 5.99
N LEU A 272 -14.03 29.39 5.08
CA LEU A 272 -12.59 29.20 4.97
C LEU A 272 -11.97 30.26 4.06
N LYS B 46 -41.20 6.66 10.87
CA LYS B 46 -40.69 5.35 11.23
C LYS B 46 -40.05 5.26 12.64
N PRO B 47 -39.27 6.26 13.05
CA PRO B 47 -38.69 6.21 14.41
C PRO B 47 -39.73 5.91 15.47
N ASN B 48 -39.41 4.97 16.35
CA ASN B 48 -40.34 4.47 17.35
C ASN B 48 -40.29 5.35 18.60
N PHE B 49 -41.47 5.62 19.17
CA PHE B 49 -41.58 6.46 20.36
C PHE B 49 -41.46 5.62 21.61
N VAL B 50 -40.59 6.02 22.52
CA VAL B 50 -40.35 5.33 23.77
C VAL B 50 -40.94 6.16 24.90
N GLY B 51 -41.79 5.54 25.72
CA GLY B 51 -42.44 6.22 26.83
C GLY B 51 -42.64 5.29 28.00
N ARG B 52 -43.65 5.61 28.81
CA ARG B 52 -43.97 4.81 30.00
C ARG B 52 -45.47 4.83 30.22
N ASP B 53 -45.99 3.73 30.75
CA ASP B 53 -47.43 3.54 30.90
C ASP B 53 -47.87 3.89 32.32
N ALA B 54 -49.10 3.51 32.67
CA ALA B 54 -49.66 3.89 33.97
C ALA B 54 -48.94 3.20 35.12
N ASP B 55 -48.34 2.03 34.88
CA ASP B 55 -47.64 1.29 35.92
C ASP B 55 -46.15 1.63 35.98
N GLY B 56 -45.69 2.58 35.16
CA GLY B 56 -44.28 2.91 35.12
C GLY B 56 -43.43 1.97 34.29
N ASN B 57 -44.05 1.09 33.50
CA ASN B 57 -43.32 0.16 32.66
C ASN B 57 -42.98 0.78 31.32
N VAL B 58 -41.93 0.24 30.69
CA VAL B 58 -41.45 0.77 29.42
C VAL B 58 -42.50 0.53 28.34
N THR B 59 -42.70 1.54 27.49
CA THR B 59 -43.54 1.42 26.32
C THR B 59 -42.76 1.84 25.07
N VAL B 60 -43.03 1.16 23.97
CA VAL B 60 -42.52 1.53 22.66
C VAL B 60 -43.70 1.54 21.70
N ASP B 61 -44.01 2.70 21.13
CA ASP B 61 -45.15 2.88 20.24
C ASP B 61 -46.46 2.46 20.92
N GLY B 62 -46.58 2.78 22.20
CA GLY B 62 -47.80 2.53 22.95
C GLY B 62 -47.94 1.13 23.52
N ARG B 63 -47.09 0.19 23.13
CA ARG B 63 -47.15 -1.17 23.64
C ARG B 63 -46.33 -1.28 24.91
N SER B 64 -46.93 -1.83 25.96
CA SER B 64 -46.24 -1.97 27.24
C SER B 64 -45.29 -3.18 27.22
N TYR B 65 -44.18 -3.04 27.93
CA TYR B 65 -43.19 -4.11 28.07
C TYR B 65 -42.78 -4.18 29.53
N PRO B 66 -43.55 -4.88 30.36
CA PRO B 66 -43.26 -4.91 31.81
C PRO B 66 -41.91 -5.51 32.15
N MET B 67 -41.34 -6.32 31.27
CA MET B 67 -40.04 -6.94 31.53
C MET B 67 -38.87 -6.02 31.22
N ALA B 68 -39.11 -4.86 30.60
CA ALA B 68 -38.04 -4.01 30.11
C ALA B 68 -37.60 -3.03 31.19
N GLU B 69 -36.33 -3.10 31.58
CA GLU B 69 -35.76 -2.07 32.43
C GLU B 69 -35.53 -0.78 31.64
N SER B 70 -35.10 -0.91 30.38
CA SER B 70 -34.90 0.22 29.49
C SER B 70 -34.79 -0.33 28.07
N VAL B 71 -34.68 0.58 27.11
CA VAL B 71 -34.59 0.23 25.70
C VAL B 71 -33.14 0.35 25.26
N VAL B 72 -32.60 -0.72 24.66
CA VAL B 72 -31.27 -0.65 24.07
C VAL B 72 -31.35 -0.02 22.68
N ALA B 73 -32.21 -0.57 21.82
CA ALA B 73 -32.36 -0.07 20.47
C ALA B 73 -33.74 -0.43 19.95
N THR B 74 -34.41 0.54 19.36
CA THR B 74 -35.72 0.31 18.75
C THR B 74 -35.54 -0.38 17.39
N GLU B 75 -36.67 -0.84 16.82
CA GLU B 75 -36.62 -1.58 15.58
C GLU B 75 -36.08 -0.73 14.43
N SER B 76 -36.47 0.55 14.38
CA SER B 76 -35.96 1.43 13.34
C SER B 76 -34.45 1.60 13.46
N THR B 77 -33.95 1.78 14.69
CA THR B 77 -32.51 1.86 14.90
C THR B 77 -31.84 0.55 14.51
N ILE B 78 -32.46 -0.58 14.84
CA ILE B 78 -31.87 -1.89 14.53
C ILE B 78 -31.75 -2.07 13.03
N HIS B 79 -32.84 -1.83 12.29
CA HIS B 79 -32.84 -2.12 10.87
C HIS B 79 -31.99 -1.15 10.08
N ARG B 80 -31.83 0.09 10.57
CA ARG B 80 -30.93 1.02 9.89
C ARG B 80 -29.48 0.55 9.99
N SER B 81 -29.03 0.19 11.19
CA SER B 81 -27.65 -0.29 11.34
C SER B 81 -27.43 -1.59 10.60
N MET B 82 -28.46 -2.42 10.47
CA MET B 82 -28.32 -3.67 9.73
C MET B 82 -28.25 -3.43 8.23
N LYS B 83 -29.12 -2.55 7.71
CA LYS B 83 -29.07 -2.24 6.29
C LYS B 83 -27.75 -1.57 5.92
N GLU B 84 -27.20 -0.75 6.82
CA GLU B 84 -25.89 -0.16 6.58
C GLU B 84 -24.77 -1.18 6.72
N MET B 85 -24.92 -2.13 7.65
CA MET B 85 -23.93 -3.19 7.79
C MET B 85 -23.93 -4.10 6.58
N ALA B 86 -25.11 -4.35 6.00
CA ALA B 86 -25.18 -5.14 4.77
C ALA B 86 -24.43 -4.47 3.64
N GLN B 87 -24.53 -3.14 3.55
CA GLN B 87 -23.77 -2.41 2.55
C GLN B 87 -22.27 -2.48 2.83
N THR B 88 -21.89 -2.37 4.11
CA THR B 88 -20.49 -2.55 4.49
C THR B 88 -19.99 -3.93 4.08
N LEU B 89 -20.81 -4.96 4.29
CA LEU B 89 -20.42 -6.32 3.91
C LEU B 89 -20.31 -6.46 2.40
N ALA B 90 -21.27 -5.92 1.65
CA ALA B 90 -21.26 -6.07 0.20
C ALA B 90 -20.04 -5.37 -0.41
N ASN B 91 -19.69 -4.19 0.09
CA ASN B 91 -18.49 -3.51 -0.41
C ASN B 91 -17.23 -4.29 -0.05
N ALA B 92 -17.21 -4.90 1.13
CA ALA B 92 -16.00 -5.61 1.58
C ALA B 92 -15.76 -6.87 0.76
N TYR B 93 -16.80 -7.67 0.54
CA TYR B 93 -16.67 -8.93 -0.19
C TYR B 93 -16.82 -8.78 -1.69
N LYS B 94 -16.99 -7.55 -2.20
CA LYS B 94 -17.30 -7.33 -3.61
C LYS B 94 -16.26 -7.96 -4.52
N THR B 95 -14.98 -7.70 -4.26
CA THR B 95 -13.90 -8.13 -5.15
C THR B 95 -13.20 -9.40 -4.70
N LEU B 96 -13.52 -9.92 -3.52
CA LEU B 96 -12.78 -11.06 -2.99
C LEU B 96 -13.00 -12.31 -3.85
N LYS B 97 -11.96 -13.13 -3.92
CA LYS B 97 -11.97 -14.37 -4.68
C LYS B 97 -11.68 -15.55 -3.75
N HIS B 98 -12.25 -16.70 -4.08
CA HIS B 98 -12.02 -17.91 -3.31
C HIS B 98 -12.11 -19.12 -4.24
N ARG B 99 -12.02 -20.31 -3.66
CA ARG B 99 -11.89 -21.53 -4.46
C ARG B 99 -13.15 -21.80 -5.27
N ASP B 100 -12.95 -22.15 -6.54
CA ASP B 100 -14.05 -22.43 -7.45
C ASP B 100 -14.49 -23.88 -7.27
N THR B 101 -15.70 -24.08 -6.76
CA THR B 101 -16.31 -25.41 -6.73
C THR B 101 -17.40 -25.60 -7.78
N HIS B 102 -17.91 -24.51 -8.37
CA HIS B 102 -18.83 -24.67 -9.49
C HIS B 102 -18.14 -25.34 -10.67
N ASN B 103 -16.96 -24.84 -11.03
CA ASN B 103 -16.10 -25.47 -12.03
C ASN B 103 -14.84 -25.94 -11.29
N LYS B 104 -14.91 -27.18 -10.78
CA LYS B 104 -13.80 -27.71 -9.99
C LYS B 104 -12.52 -27.85 -10.80
N GLY B 105 -12.61 -27.88 -12.14
CA GLY B 105 -11.42 -27.92 -12.96
C GLY B 105 -10.66 -26.61 -13.04
N ASN B 106 -11.27 -25.51 -12.60
CA ASN B 106 -10.63 -24.19 -12.64
C ASN B 106 -9.64 -24.10 -11.49
N SER B 107 -8.35 -24.05 -11.82
CA SER B 107 -7.32 -23.89 -10.80
C SER B 107 -7.23 -22.46 -10.29
N ALA B 108 -7.70 -21.49 -11.05
CA ALA B 108 -7.66 -20.09 -10.63
C ALA B 108 -8.80 -19.79 -9.66
N LEU B 109 -8.59 -18.76 -8.84
CA LEU B 109 -9.62 -18.35 -7.91
C LEU B 109 -10.78 -17.68 -8.65
N ALA B 110 -11.98 -17.88 -8.13
CA ALA B 110 -13.17 -17.33 -8.74
C ALA B 110 -13.78 -16.25 -7.86
N PRO B 111 -14.46 -15.27 -8.46
CA PRO B 111 -15.11 -14.23 -7.65
C PRO B 111 -16.31 -14.78 -6.90
N ILE B 112 -16.88 -13.93 -6.05
CA ILE B 112 -18.07 -14.26 -5.29
C ILE B 112 -19.29 -14.02 -6.18
N THR B 113 -19.91 -15.09 -6.66
CA THR B 113 -21.03 -15.03 -7.59
C THR B 113 -22.09 -16.03 -7.13
N ASP B 114 -23.17 -16.14 -7.92
CA ASP B 114 -24.15 -17.19 -7.66
C ASP B 114 -23.54 -18.57 -7.84
N GLU B 115 -22.48 -18.67 -8.64
CA GLU B 115 -21.81 -19.95 -8.83
C GLU B 115 -20.95 -20.31 -7.62
N ASN B 116 -20.26 -19.32 -7.05
CA ASN B 116 -19.43 -19.52 -5.85
C ASN B 116 -19.80 -18.44 -4.83
N PRO B 117 -20.92 -18.59 -4.15
CA PRO B 117 -21.40 -17.53 -3.26
C PRO B 117 -20.61 -17.48 -1.96
N LEU B 118 -20.84 -16.39 -1.23
CA LEU B 118 -20.36 -16.29 0.14
C LEU B 118 -21.10 -17.30 1.01
N ILE B 119 -20.35 -18.05 1.81
N ILE B 119 -20.36 -18.05 1.82
CA ILE B 119 -20.92 -19.04 2.72
CA ILE B 119 -20.94 -19.04 2.72
C ILE B 119 -21.21 -18.35 4.05
C ILE B 119 -21.21 -18.39 4.07
N ILE B 120 -22.46 -18.42 4.50
CA ILE B 120 -22.90 -17.79 5.74
C ILE B 120 -23.30 -18.88 6.72
N ILE B 121 -22.72 -18.84 7.92
CA ILE B 121 -23.03 -19.78 8.99
C ILE B 121 -23.85 -19.03 10.04
N SER B 122 -25.11 -19.42 10.19
CA SER B 122 -26.01 -18.79 11.15
C SER B 122 -26.08 -19.65 12.40
N VAL B 123 -25.97 -19.01 13.56
CA VAL B 123 -25.86 -19.71 14.84
C VAL B 123 -27.24 -19.77 15.49
N LEU B 124 -27.80 -20.98 15.58
CA LEU B 124 -29.09 -21.19 16.19
C LEU B 124 -28.97 -21.19 17.71
N LYS B 125 -30.04 -20.75 18.38
CA LYS B 125 -31.29 -20.31 17.77
C LYS B 125 -31.39 -18.80 17.68
N GLY B 126 -30.55 -18.10 18.46
CA GLY B 126 -30.78 -16.69 18.71
C GLY B 126 -30.69 -15.80 17.48
N SER B 127 -29.91 -16.20 16.48
CA SER B 127 -29.64 -15.31 15.35
C SER B 127 -30.48 -15.61 14.11
N TYR B 128 -31.53 -16.44 14.22
CA TYR B 128 -32.29 -16.77 13.02
C TYR B 128 -33.08 -15.58 12.50
N ILE B 129 -33.58 -14.72 13.40
CA ILE B 129 -34.29 -13.52 12.96
C ILE B 129 -33.30 -12.50 12.41
N PHE B 130 -32.19 -12.29 13.13
CA PHE B 130 -31.11 -11.44 12.63
C PHE B 130 -30.64 -11.89 11.26
N THR B 131 -30.49 -13.20 11.05
CA THR B 131 -30.03 -13.71 9.77
C THR B 131 -31.07 -13.53 8.67
N ALA B 132 -32.35 -13.78 9.00
CA ALA B 132 -33.41 -13.68 8.00
C ALA B 132 -33.48 -12.26 7.42
N ASP B 133 -33.32 -11.25 8.26
CA ASP B 133 -33.37 -9.87 7.77
C ASP B 133 -32.08 -9.49 7.05
N MET B 134 -30.93 -9.93 7.56
CA MET B 134 -29.65 -9.50 7.01
C MET B 134 -29.42 -10.08 5.61
N VAL B 135 -29.77 -11.35 5.40
CA VAL B 135 -29.54 -11.92 4.07
C VAL B 135 -30.47 -11.29 3.04
N ARG B 136 -31.63 -10.79 3.47
CA ARG B 136 -32.48 -10.06 2.54
C ARG B 136 -31.88 -8.70 2.20
N TYR B 137 -31.27 -8.04 3.19
CA TYR B 137 -30.55 -6.79 2.91
C TYR B 137 -29.34 -7.06 2.03
N LEU B 138 -28.63 -8.16 2.27
CA LEU B 138 -27.52 -8.52 1.40
C LEU B 138 -27.97 -8.77 -0.03
N GLY B 139 -29.20 -9.26 -0.20
CA GLY B 139 -29.75 -9.40 -1.54
C GLY B 139 -30.02 -8.07 -2.20
N ASP B 140 -30.54 -7.10 -1.43
CA ASP B 140 -30.71 -5.75 -1.96
C ASP B 140 -29.39 -5.18 -2.43
N CYS B 141 -28.31 -5.48 -1.70
CA CYS B 141 -26.99 -4.97 -2.01
C CYS B 141 -26.23 -5.82 -3.03
N GLY B 142 -26.85 -6.88 -3.54
CA GLY B 142 -26.28 -7.66 -4.62
C GLY B 142 -25.17 -8.63 -4.25
N LEU B 143 -25.04 -9.00 -2.97
CA LEU B 143 -23.99 -9.92 -2.55
C LEU B 143 -24.54 -11.34 -2.52
N PRO B 144 -24.14 -12.21 -3.44
CA PRO B 144 -24.68 -13.58 -3.43
C PRO B 144 -24.17 -14.36 -2.24
N ASN B 145 -25.09 -15.08 -1.60
CA ASN B 145 -24.76 -15.80 -0.38
C ASN B 145 -25.69 -16.99 -0.24
N VAL B 146 -25.23 -18.00 0.50
CA VAL B 146 -26.04 -19.14 0.87
C VAL B 146 -25.84 -19.39 2.36
N VAL B 147 -26.91 -19.80 3.03
CA VAL B 147 -26.94 -19.87 4.48
C VAL B 147 -27.09 -21.33 4.91
N ASP B 148 -26.24 -21.76 5.85
CA ASP B 148 -26.44 -22.98 6.60
C ASP B 148 -26.43 -22.65 8.09
N PHE B 149 -26.98 -23.56 8.88
CA PHE B 149 -27.17 -23.32 10.31
C PHE B 149 -26.30 -24.26 11.13
N ILE B 150 -25.94 -23.80 12.33
CA ILE B 150 -25.25 -24.61 13.32
C ILE B 150 -25.82 -24.28 14.69
N ARG B 151 -26.00 -25.29 15.52
CA ARG B 151 -26.47 -25.12 16.89
C ARG B 151 -25.35 -25.52 17.84
N ILE B 152 -25.00 -24.62 18.76
CA ILE B 152 -23.86 -24.82 19.64
C ILE B 152 -24.30 -25.29 21.02
N LEU B 168 -24.23 -29.48 18.84
CA LEU B 168 -25.60 -29.97 18.93
C LEU B 168 -26.12 -30.38 17.55
N ASP B 169 -26.12 -29.43 16.63
CA ASP B 169 -26.47 -29.67 15.23
C ASP B 169 -25.35 -29.12 14.35
N ASN B 170 -24.79 -29.96 13.50
CA ASN B 170 -23.65 -29.58 12.68
C ASN B 170 -24.11 -29.11 11.31
N LEU B 171 -23.15 -28.54 10.57
CA LEU B 171 -23.44 -28.01 9.24
C LEU B 171 -23.72 -29.13 8.25
N ARG B 172 -24.54 -28.81 7.25
CA ARG B 172 -24.74 -29.68 6.10
C ARG B 172 -23.80 -29.37 4.96
N PHE B 173 -23.47 -28.10 4.75
CA PHE B 173 -22.47 -27.73 3.77
C PHE B 173 -21.16 -28.44 4.08
N THR B 174 -20.52 -29.01 3.05
CA THR B 174 -19.27 -29.74 3.22
C THR B 174 -18.09 -29.12 2.48
N GLU B 175 -18.32 -28.18 1.57
CA GLU B 175 -17.26 -27.60 0.74
C GLU B 175 -16.98 -26.17 1.20
N LEU B 176 -16.32 -26.06 2.36
CA LEU B 176 -15.95 -24.77 2.91
C LEU B 176 -14.46 -24.47 2.79
N THR B 177 -13.65 -25.45 2.39
CA THR B 177 -12.20 -25.23 2.31
C THR B 177 -11.86 -24.25 1.20
N GLY B 178 -11.02 -23.27 1.53
CA GLY B 178 -10.67 -22.24 0.56
C GLY B 178 -11.79 -21.30 0.20
N LYS B 179 -12.89 -21.29 0.95
CA LYS B 179 -14.02 -20.40 0.71
C LYS B 179 -13.99 -19.23 1.70
N HIS B 180 -14.66 -18.15 1.33
CA HIS B 180 -14.89 -17.04 2.24
C HIS B 180 -16.14 -17.36 3.05
N VAL B 181 -16.00 -17.41 4.37
CA VAL B 181 -17.06 -17.85 5.28
C VAL B 181 -17.33 -16.75 6.29
N LEU B 182 -18.62 -16.42 6.46
CA LEU B 182 -19.07 -15.38 7.36
C LEU B 182 -20.02 -15.97 8.39
N ILE B 183 -19.69 -15.85 9.66
CA ILE B 183 -20.55 -16.32 10.74
C ILE B 183 -21.52 -15.21 11.11
N MET B 184 -22.80 -15.55 11.20
CA MET B 184 -23.86 -14.61 11.56
C MET B 184 -24.35 -14.98 12.96
N GLU B 185 -23.94 -14.19 13.95
CA GLU B 185 -24.24 -14.44 15.35
C GLU B 185 -25.01 -13.27 15.93
N ASP B 186 -25.83 -13.54 16.95
CA ASP B 186 -26.66 -12.47 17.50
C ASP B 186 -25.90 -11.60 18.49
N ILE B 187 -25.01 -12.18 19.30
CA ILE B 187 -24.36 -11.41 20.35
C ILE B 187 -23.03 -12.06 20.69
N ALA B 188 -22.06 -11.22 21.09
CA ALA B 188 -20.82 -11.67 21.68
C ALA B 188 -20.69 -11.02 23.06
N ASP B 189 -20.49 -11.84 24.08
CA ASP B 189 -20.45 -11.35 25.46
C ASP B 189 -19.09 -11.66 26.07
N THR B 190 -18.93 -12.87 26.61
CA THR B 190 -17.62 -13.29 27.09
C THR B 190 -16.64 -13.56 25.95
N GLY B 191 -17.12 -13.68 24.72
CA GLY B 191 -16.28 -14.03 23.59
C GLY B 191 -16.01 -15.52 23.46
N ARG B 192 -16.39 -16.33 24.44
CA ARG B 192 -16.02 -17.74 24.43
C ARG B 192 -16.70 -18.49 23.29
N THR B 193 -18.02 -18.34 23.16
CA THR B 193 -18.77 -19.08 22.16
C THR B 193 -18.18 -18.89 20.77
N MET B 194 -17.86 -17.64 20.42
CA MET B 194 -17.36 -17.38 19.08
C MET B 194 -15.90 -17.79 18.94
N LYS B 195 -15.10 -17.60 19.99
CA LYS B 195 -13.72 -18.06 19.94
C LYS B 195 -13.66 -19.56 19.68
N LEU B 196 -14.49 -20.33 20.40
CA LEU B 196 -14.53 -21.78 20.19
C LEU B 196 -15.02 -22.12 18.77
N LEU B 197 -16.09 -21.46 18.32
CA LEU B 197 -16.65 -21.76 17.01
C LEU B 197 -15.70 -21.37 15.89
N VAL B 198 -15.04 -20.22 16.02
CA VAL B 198 -14.07 -19.80 15.00
C VAL B 198 -12.94 -20.82 14.90
N GLU B 199 -12.41 -21.25 16.05
CA GLU B 199 -11.36 -22.26 16.03
C GLU B 199 -11.86 -23.57 15.42
N LYS B 200 -13.11 -23.92 15.68
CA LYS B 200 -13.66 -25.18 15.19
C LYS B 200 -13.81 -25.16 13.67
N ILE B 201 -14.42 -24.10 13.14
CA ILE B 201 -14.60 -23.99 11.70
C ILE B 201 -13.25 -23.92 11.00
N ARG B 202 -12.28 -23.22 11.61
CA ARG B 202 -10.96 -23.11 11.01
C ARG B 202 -10.28 -24.47 10.90
N ARG B 203 -10.25 -25.23 12.00
CA ARG B 203 -9.53 -26.49 11.99
C ARG B 203 -10.25 -27.55 11.15
N GLU B 204 -11.57 -27.47 11.05
CA GLU B 204 -12.34 -28.50 10.36
C GLU B 204 -12.47 -28.25 8.86
N TYR B 205 -12.38 -26.98 8.43
CA TYR B 205 -12.61 -26.66 7.04
C TYR B 205 -11.46 -25.88 6.41
N ARG B 206 -10.73 -25.09 7.21
CA ARG B 206 -9.69 -24.20 6.71
C ARG B 206 -10.20 -23.31 5.59
N PRO B 207 -11.14 -22.40 5.85
CA PRO B 207 -11.63 -21.52 4.78
C PRO B 207 -10.58 -20.51 4.35
N ALA B 208 -10.86 -19.84 3.23
CA ALA B 208 -9.98 -18.76 2.78
C ALA B 208 -9.95 -17.63 3.80
N SER B 209 -11.12 -17.24 4.31
CA SER B 209 -11.21 -16.26 5.38
C SER B 209 -12.42 -16.62 6.23
N LEU B 210 -12.34 -16.27 7.52
CA LEU B 210 -13.41 -16.57 8.48
C LEU B 210 -13.61 -15.35 9.36
N LYS B 211 -14.79 -14.73 9.23
CA LYS B 211 -15.10 -13.51 9.96
C LYS B 211 -16.45 -13.66 10.63
N VAL B 212 -16.70 -12.79 11.61
CA VAL B 212 -17.91 -12.84 12.42
C VAL B 212 -18.64 -11.51 12.32
N CYS B 213 -19.94 -11.57 12.06
CA CYS B 213 -20.78 -10.39 12.09
C CYS B 213 -21.82 -10.62 13.18
N VAL B 214 -21.81 -9.76 14.20
CA VAL B 214 -22.74 -9.87 15.32
C VAL B 214 -23.67 -8.66 15.30
N LEU B 215 -24.94 -8.90 15.64
CA LEU B 215 -25.88 -7.78 15.79
C LEU B 215 -25.52 -6.92 16.98
N VAL B 216 -25.15 -7.54 18.11
CA VAL B 216 -24.85 -6.80 19.33
C VAL B 216 -23.50 -7.27 19.84
N ASP B 217 -22.64 -6.31 20.20
CA ASP B 217 -21.37 -6.60 20.85
C ASP B 217 -21.39 -5.98 22.23
N LYS B 218 -21.08 -6.79 23.24
CA LYS B 218 -20.93 -6.29 24.60
C LYS B 218 -19.48 -6.43 25.01
N PRO B 219 -18.60 -5.54 24.54
CA PRO B 219 -17.16 -5.75 24.75
C PRO B 219 -16.74 -5.67 26.21
N GLY B 220 -17.54 -5.06 27.07
CA GLY B 220 -17.20 -4.98 28.48
C GLY B 220 -17.33 -6.28 29.23
N GLY B 221 -17.88 -7.32 28.61
CA GLY B 221 -18.01 -8.61 29.22
C GLY B 221 -17.00 -9.64 28.77
N ARG B 222 -15.93 -9.23 28.09
CA ARG B 222 -14.97 -10.18 27.54
C ARG B 222 -14.27 -10.97 28.64
N VAL B 223 -14.29 -12.28 28.52
CA VAL B 223 -13.47 -13.16 29.33
C VAL B 223 -12.25 -13.66 28.55
N VAL B 224 -12.44 -13.91 27.26
CA VAL B 224 -11.37 -14.28 26.36
C VAL B 224 -11.26 -13.20 25.27
N ASP B 225 -10.20 -13.29 24.48
CA ASP B 225 -9.94 -12.33 23.42
C ASP B 225 -10.70 -12.76 22.16
N PHE B 226 -11.78 -12.06 21.86
CA PHE B 226 -12.50 -12.24 20.60
C PHE B 226 -13.00 -10.90 20.12
N LYS B 227 -12.66 -10.54 18.89
CA LYS B 227 -13.05 -9.26 18.31
C LYS B 227 -13.78 -9.50 16.99
N PRO B 228 -15.10 -9.40 16.97
CA PRO B 228 -15.84 -9.58 15.71
C PRO B 228 -15.53 -8.46 14.74
N GLU B 229 -15.40 -8.82 13.46
CA GLU B 229 -15.01 -7.84 12.46
C GLU B 229 -16.14 -6.90 12.08
N PHE B 230 -17.39 -7.37 12.17
CA PHE B 230 -18.54 -6.58 11.77
C PHE B 230 -19.53 -6.54 12.94
N VAL B 231 -19.73 -5.33 13.50
CA VAL B 231 -20.58 -5.14 14.67
C VAL B 231 -21.66 -4.13 14.32
N CYS B 232 -22.92 -4.57 14.37
CA CYS B 232 -24.03 -3.66 14.13
C CYS B 232 -24.19 -2.68 15.29
N LEU B 233 -24.40 -3.21 16.49
CA LEU B 233 -24.65 -2.39 17.68
C LEU B 233 -23.70 -2.76 18.79
N THR B 234 -23.25 -1.75 19.53
CA THR B 234 -22.42 -1.92 20.71
C THR B 234 -23.24 -1.49 21.92
N ALA B 235 -23.36 -2.39 22.89
CA ALA B 235 -24.24 -2.22 24.05
C ALA B 235 -23.45 -2.34 25.35
N PRO B 236 -24.00 -1.82 26.45
CA PRO B 236 -23.37 -2.06 27.76
C PRO B 236 -23.56 -3.50 28.20
N THR B 237 -22.89 -3.84 29.30
CA THR B 237 -22.87 -5.22 29.81
C THR B 237 -24.10 -5.44 30.69
N ARG B 238 -25.25 -5.59 30.03
CA ARG B 238 -26.50 -5.94 30.70
C ARG B 238 -27.21 -7.00 29.86
N TYR B 239 -27.99 -7.84 30.53
CA TYR B 239 -28.73 -8.88 29.83
C TYR B 239 -29.87 -8.24 29.04
N VAL B 240 -29.95 -8.56 27.75
CA VAL B 240 -30.92 -7.94 26.85
C VAL B 240 -31.88 -9.01 26.34
N VAL B 241 -33.08 -8.55 25.96
CA VAL B 241 -34.12 -9.42 25.42
C VAL B 241 -34.77 -8.74 24.23
N GLY B 242 -35.43 -9.54 23.41
CA GLY B 242 -36.07 -9.02 22.22
C GLY B 242 -35.23 -9.21 20.97
N TYR B 243 -35.90 -9.36 19.84
CA TYR B 243 -35.27 -9.52 18.53
C TYR B 243 -34.20 -10.61 18.55
N GLY B 244 -34.65 -11.82 18.86
CA GLY B 244 -33.78 -12.97 18.94
C GLY B 244 -33.28 -13.29 20.33
N PHE B 245 -33.22 -12.30 21.22
CA PHE B 245 -32.79 -12.51 22.59
C PHE B 245 -33.99 -12.82 23.48
N GLU B 246 -33.78 -13.69 24.47
CA GLU B 246 -34.90 -14.27 25.20
C GLU B 246 -34.50 -14.61 26.63
N VAL B 247 -35.52 -14.91 27.43
CA VAL B 247 -35.38 -15.59 28.73
C VAL B 247 -36.30 -16.80 28.66
N ASN B 248 -35.71 -18.00 28.68
CA ASN B 248 -36.46 -19.24 28.53
C ASN B 248 -37.38 -19.19 27.31
N ASP B 249 -36.83 -18.65 26.21
CA ASP B 249 -37.47 -18.49 24.91
C ASP B 249 -38.55 -17.40 24.89
N ARG B 250 -38.82 -16.74 26.01
CA ARG B 250 -39.79 -15.65 26.02
C ARG B 250 -39.18 -14.37 25.45
N TYR B 251 -40.03 -13.57 24.81
CA TYR B 251 -39.71 -12.26 24.24
C TYR B 251 -38.80 -12.34 23.02
N ARG B 252 -38.62 -13.53 22.43
CA ARG B 252 -37.72 -13.65 21.29
C ARG B 252 -38.28 -12.96 20.04
N ASN B 253 -39.60 -12.89 19.91
CA ASN B 253 -40.24 -12.36 18.72
C ASN B 253 -40.52 -10.86 18.81
N TYR B 254 -40.02 -10.19 19.84
CA TYR B 254 -40.25 -8.75 19.97
C TYR B 254 -39.37 -8.01 18.96
N ARG B 255 -39.83 -6.82 18.56
CA ARG B 255 -39.16 -6.05 17.52
C ARG B 255 -38.07 -5.14 18.07
N HIS B 256 -37.93 -5.01 19.39
CA HIS B 256 -36.96 -4.11 19.98
C HIS B 256 -36.10 -4.86 20.98
N VAL B 257 -34.91 -4.32 21.23
CA VAL B 257 -33.97 -4.92 22.18
C VAL B 257 -34.02 -4.09 23.46
N PHE B 258 -34.40 -4.74 24.56
CA PHE B 258 -34.55 -4.07 25.85
C PHE B 258 -33.51 -4.59 26.84
N VAL B 259 -33.14 -3.74 27.79
CA VAL B 259 -32.47 -4.21 28.99
C VAL B 259 -33.50 -4.89 29.89
N LEU B 260 -33.14 -6.04 30.44
CA LEU B 260 -34.07 -6.84 31.22
C LEU B 260 -34.06 -6.44 32.68
N LYS B 261 -35.26 -6.35 33.26
CA LYS B 261 -35.36 -6.16 34.71
C LYS B 261 -34.85 -7.40 35.42
N PRO B 262 -33.96 -7.26 36.40
CA PRO B 262 -33.41 -8.45 37.07
C PRO B 262 -34.47 -9.34 37.72
N GLU B 263 -35.63 -8.79 38.08
CA GLU B 263 -36.69 -9.61 38.66
C GLU B 263 -37.36 -10.53 37.64
N TYR B 264 -37.01 -10.41 36.36
CA TYR B 264 -37.54 -11.27 35.31
C TYR B 264 -36.56 -12.34 34.86
N ALA B 265 -35.36 -12.38 35.45
CA ALA B 265 -34.34 -13.32 35.00
C ALA B 265 -34.76 -14.76 35.21
N LYS B 266 -35.46 -15.04 36.31
CA LYS B 266 -35.91 -16.39 36.62
C LYS B 266 -37.42 -16.44 36.77
N ARG B 267 -38.14 -15.72 35.89
CA ARG B 267 -39.59 -15.67 35.99
C ARG B 267 -40.25 -16.97 35.52
N TYR B 268 -39.66 -17.62 34.51
CA TYR B 268 -40.22 -18.85 33.92
C TYR B 268 -39.19 -19.95 34.05
N PRO B 269 -39.08 -20.58 35.23
CA PRO B 269 -38.08 -21.65 35.40
C PRO B 269 -38.52 -22.99 34.85
N SER B 270 -39.79 -23.16 34.50
CA SER B 270 -40.28 -24.45 34.02
C SER B 270 -39.66 -24.79 32.67
N LYS B 271 -39.37 -26.07 32.48
CA LYS B 271 -38.74 -26.53 31.25
C LYS B 271 -39.79 -26.65 30.15
N LEU B 272 -39.47 -26.11 28.97
CA LEU B 272 -40.36 -26.20 27.83
C LEU B 272 -40.20 -27.55 27.13
N PRO C 47 -46.29 -1.28 -2.49
CA PRO C 47 -46.70 -2.20 -3.56
C PRO C 47 -45.66 -2.30 -4.67
N ASN C 48 -45.01 -3.45 -4.77
CA ASN C 48 -43.96 -3.64 -5.76
C ASN C 48 -44.53 -3.65 -7.17
N PHE C 49 -43.73 -3.16 -8.12
CA PHE C 49 -44.13 -3.06 -9.52
C PHE C 49 -43.49 -4.21 -10.29
N VAL C 50 -44.33 -5.03 -10.92
CA VAL C 50 -43.90 -6.15 -11.75
C VAL C 50 -43.91 -5.70 -13.21
N GLY C 51 -42.93 -6.16 -13.97
CA GLY C 51 -42.91 -5.84 -15.38
C GLY C 51 -41.97 -6.75 -16.14
N ARG C 52 -41.63 -6.31 -17.35
CA ARG C 52 -40.65 -6.96 -18.22
C ARG C 52 -39.70 -5.91 -18.76
N ASP C 53 -38.41 -6.22 -18.80
CA ASP C 53 -37.42 -5.27 -19.30
C ASP C 53 -37.28 -5.43 -20.81
N ALA C 54 -36.21 -4.88 -21.39
CA ALA C 54 -36.05 -4.92 -22.84
C ALA C 54 -35.84 -6.35 -23.35
N ASP C 55 -35.19 -7.20 -22.56
CA ASP C 55 -34.96 -8.58 -22.96
C ASP C 55 -36.14 -9.49 -22.69
N GLY C 56 -37.21 -8.98 -22.09
CA GLY C 56 -38.33 -9.81 -21.71
C GLY C 56 -38.18 -10.53 -20.39
N ASN C 57 -37.21 -10.14 -19.57
CA ASN C 57 -36.99 -10.79 -18.30
C ASN C 57 -37.95 -10.24 -17.24
N VAL C 58 -38.26 -11.08 -16.25
CA VAL C 58 -39.09 -10.65 -15.13
C VAL C 58 -38.38 -9.54 -14.38
N THR C 59 -39.09 -8.45 -14.12
CA THR C 59 -38.59 -7.38 -13.25
C THR C 59 -39.57 -7.14 -12.11
N VAL C 60 -39.02 -6.88 -10.93
CA VAL C 60 -39.78 -6.39 -9.79
C VAL C 60 -39.05 -5.15 -9.25
N ASP C 61 -39.72 -4.00 -9.28
CA ASP C 61 -39.13 -2.73 -8.90
C ASP C 61 -37.86 -2.44 -9.68
N GLY C 62 -37.89 -2.73 -10.99
CA GLY C 62 -36.79 -2.43 -11.87
C GLY C 62 -35.67 -3.46 -11.89
N ARG C 63 -35.54 -4.27 -10.84
CA ARG C 63 -34.48 -5.27 -10.79
C ARG C 63 -34.88 -6.50 -11.61
N SER C 64 -33.97 -6.93 -12.48
CA SER C 64 -34.25 -8.06 -13.36
C SER C 64 -34.00 -9.39 -12.64
N TYR C 65 -34.83 -10.37 -12.96
CA TYR C 65 -34.71 -11.72 -12.42
C TYR C 65 -34.69 -12.70 -13.59
N PRO C 66 -33.50 -12.94 -14.18
CA PRO C 66 -33.44 -13.80 -15.36
C PRO C 66 -33.86 -15.24 -15.09
N MET C 67 -33.77 -15.71 -13.85
CA MET C 67 -34.14 -17.07 -13.52
C MET C 67 -35.65 -17.26 -13.40
N ALA C 68 -36.43 -16.18 -13.44
CA ALA C 68 -37.85 -16.24 -13.14
C ALA C 68 -38.66 -16.42 -14.41
N GLU C 69 -39.53 -17.45 -14.41
CA GLU C 69 -40.51 -17.58 -15.47
C GLU C 69 -41.66 -16.59 -15.28
N SER C 70 -42.09 -16.40 -14.03
CA SER C 70 -43.19 -15.51 -13.70
C SER C 70 -43.13 -15.21 -12.20
N VAL C 71 -43.98 -14.29 -11.77
CA VAL C 71 -44.06 -13.90 -10.36
C VAL C 71 -45.27 -14.58 -9.74
N VAL C 72 -45.04 -15.27 -8.63
CA VAL C 72 -46.16 -15.84 -7.87
C VAL C 72 -46.76 -14.80 -6.94
N ALA C 73 -45.91 -14.08 -6.21
CA ALA C 73 -46.36 -13.04 -5.30
C ALA C 73 -45.17 -12.16 -4.92
N THR C 74 -45.35 -10.86 -5.04
CA THR C 74 -44.32 -9.93 -4.60
C THR C 74 -44.28 -9.85 -3.07
N GLU C 75 -43.26 -9.17 -2.55
CA GLU C 75 -43.11 -9.04 -1.11
C GLU C 75 -44.33 -8.36 -0.47
N SER C 76 -44.84 -7.31 -1.12
CA SER C 76 -45.99 -6.60 -0.55
C SER C 76 -47.24 -7.48 -0.50
N THR C 77 -47.46 -8.29 -1.55
CA THR C 77 -48.56 -9.23 -1.51
C THR C 77 -48.32 -10.32 -0.46
N ILE C 78 -47.07 -10.76 -0.34
CA ILE C 78 -46.73 -11.82 0.61
C ILE C 78 -46.98 -11.34 2.04
N HIS C 79 -46.54 -10.11 2.36
CA HIS C 79 -46.70 -9.64 3.73
C HIS C 79 -48.12 -9.19 4.03
N ARG C 80 -48.88 -8.77 3.01
CA ARG C 80 -50.31 -8.56 3.19
C ARG C 80 -50.99 -9.85 3.63
N SER C 81 -50.71 -10.95 2.94
CA SER C 81 -51.28 -12.24 3.28
C SER C 81 -50.80 -12.72 4.65
N MET C 82 -49.58 -12.35 5.04
CA MET C 82 -49.08 -12.83 6.31
C MET C 82 -49.61 -12.04 7.49
N LYS C 83 -49.77 -10.72 7.33
CA LYS C 83 -50.44 -9.95 8.37
C LYS C 83 -51.89 -10.39 8.54
N GLU C 84 -52.56 -10.76 7.44
CA GLU C 84 -53.90 -11.32 7.54
C GLU C 84 -53.86 -12.66 8.26
N MET C 85 -52.84 -13.47 8.00
CA MET C 85 -52.75 -14.77 8.65
C MET C 85 -52.48 -14.62 10.14
N ALA C 86 -51.59 -13.71 10.52
CA ALA C 86 -51.31 -13.50 11.94
C ALA C 86 -52.57 -13.09 12.70
N GLN C 87 -53.45 -12.32 12.06
CA GLN C 87 -54.73 -11.99 12.68
C GLN C 87 -55.61 -13.22 12.79
N THR C 88 -55.60 -14.08 11.77
CA THR C 88 -56.35 -15.33 11.83
C THR C 88 -55.83 -16.22 12.96
N LEU C 89 -54.50 -16.36 13.07
CA LEU C 89 -53.92 -17.15 14.14
C LEU C 89 -54.24 -16.56 15.51
N ALA C 90 -54.20 -15.23 15.62
CA ALA C 90 -54.52 -14.59 16.88
C ALA C 90 -55.97 -14.85 17.28
N ASN C 91 -56.89 -14.75 16.32
CA ASN C 91 -58.29 -15.01 16.65
C ASN C 91 -58.51 -16.45 17.09
N ALA C 92 -57.79 -17.39 16.48
CA ALA C 92 -58.02 -18.80 16.75
C ALA C 92 -57.44 -19.24 18.09
N TYR C 93 -56.39 -18.58 18.57
CA TYR C 93 -55.63 -19.09 19.71
C TYR C 93 -55.74 -18.26 20.98
N LYS C 94 -55.94 -16.93 20.86
CA LYS C 94 -55.76 -16.05 22.00
C LYS C 94 -56.68 -16.42 23.17
N THR C 95 -57.89 -16.88 22.89
CA THR C 95 -58.84 -17.20 23.94
C THR C 95 -58.82 -18.67 24.36
N LEU C 96 -57.92 -19.47 23.81
CA LEU C 96 -57.88 -20.89 24.15
C LEU C 96 -57.09 -21.11 25.44
N LYS C 97 -57.37 -22.23 26.08
CA LYS C 97 -56.67 -22.67 27.28
C LYS C 97 -56.00 -24.01 27.02
N HIS C 98 -54.93 -24.28 27.77
CA HIS C 98 -54.22 -25.55 27.66
C HIS C 98 -53.51 -25.83 28.99
N ARG C 99 -52.72 -26.90 29.01
CA ARG C 99 -52.11 -27.37 30.25
C ARG C 99 -51.14 -26.34 30.83
N ASP C 100 -51.27 -26.10 32.13
CA ASP C 100 -50.43 -25.15 32.84
C ASP C 100 -49.13 -25.83 33.24
N THR C 101 -48.02 -25.41 32.64
CA THR C 101 -46.70 -25.90 33.02
C THR C 101 -45.93 -24.94 33.90
N HIS C 102 -46.30 -23.66 33.92
CA HIS C 102 -45.57 -22.69 34.74
C HIS C 102 -45.68 -23.04 36.22
N ASN C 103 -46.85 -23.49 36.66
CA ASN C 103 -47.00 -24.11 37.97
C ASN C 103 -47.75 -25.43 37.76
N LYS C 104 -46.99 -26.53 37.64
CA LYS C 104 -47.59 -27.82 37.38
C LYS C 104 -48.43 -28.32 38.54
N GLY C 105 -48.36 -27.68 39.71
CA GLY C 105 -49.20 -28.02 40.83
C GLY C 105 -50.58 -27.39 40.71
N ASN C 106 -51.10 -27.34 39.49
CA ASN C 106 -52.42 -26.79 39.21
C ASN C 106 -53.19 -27.76 38.34
N SER C 107 -54.49 -27.89 38.61
CA SER C 107 -55.37 -28.78 37.87
C SER C 107 -56.08 -28.08 36.70
N ALA C 108 -56.57 -26.86 36.92
CA ALA C 108 -57.32 -26.17 35.88
C ALA C 108 -56.42 -25.81 34.70
N LEU C 109 -57.04 -25.67 33.54
CA LEU C 109 -56.32 -25.25 32.35
C LEU C 109 -56.07 -23.74 32.40
N ALA C 110 -54.90 -23.33 31.89
CA ALA C 110 -54.49 -21.94 31.96
C ALA C 110 -54.53 -21.30 30.56
N PRO C 111 -54.77 -20.00 30.48
CA PRO C 111 -54.81 -19.33 29.17
C PRO C 111 -53.43 -19.25 28.55
N ILE C 112 -53.41 -18.92 27.26
CA ILE C 112 -52.17 -18.77 26.50
C ILE C 112 -51.55 -17.43 26.92
N THR C 113 -50.50 -17.49 27.74
CA THR C 113 -49.85 -16.30 28.27
C THR C 113 -48.35 -16.38 28.03
N ASP C 114 -47.58 -15.46 28.61
CA ASP C 114 -46.14 -15.66 28.66
C ASP C 114 -45.76 -16.82 29.57
N GLU C 115 -46.63 -17.16 30.52
CA GLU C 115 -46.39 -18.31 31.38
C GLU C 115 -46.59 -19.62 30.61
N ASN C 116 -47.59 -19.67 29.74
CA ASN C 116 -47.87 -20.85 28.93
C ASN C 116 -48.17 -20.40 27.51
N PRO C 117 -47.13 -20.09 26.73
CA PRO C 117 -47.33 -19.55 25.39
C PRO C 117 -47.70 -20.63 24.38
N LEU C 118 -48.08 -20.17 23.20
CA LEU C 118 -48.29 -21.07 22.07
C LEU C 118 -46.95 -21.67 21.65
N ILE C 119 -46.90 -22.99 21.51
CA ILE C 119 -45.69 -23.68 21.09
C ILE C 119 -45.65 -23.68 19.57
N ILE C 120 -44.57 -23.17 18.99
CA ILE C 120 -44.39 -23.08 17.55
C ILE C 120 -43.23 -23.98 17.15
N ILE C 121 -43.47 -24.84 16.17
CA ILE C 121 -42.45 -25.73 15.63
C ILE C 121 -42.15 -25.27 14.20
N SER C 122 -40.94 -24.78 13.97
CA SER C 122 -40.51 -24.26 12.67
C SER C 122 -39.58 -25.27 12.01
N VAL C 123 -39.85 -25.57 10.74
CA VAL C 123 -39.15 -26.63 10.02
C VAL C 123 -37.99 -26.02 9.24
N LEU C 124 -36.77 -26.33 9.66
CA LEU C 124 -35.58 -25.88 8.95
C LEU C 124 -35.38 -26.69 7.67
N LYS C 125 -34.80 -26.06 6.65
CA LYS C 125 -34.36 -24.67 6.72
C LYS C 125 -35.34 -23.72 6.06
N GLY C 126 -36.28 -24.27 5.28
CA GLY C 126 -37.06 -23.46 4.37
C GLY C 126 -37.92 -22.41 5.05
N SER C 127 -38.40 -22.68 6.26
CA SER C 127 -39.37 -21.79 6.89
C SER C 127 -38.73 -20.76 7.83
N TYR C 128 -37.40 -20.68 7.88
CA TYR C 128 -36.78 -19.84 8.90
C TYR C 128 -37.05 -18.35 8.66
N ILE C 129 -37.16 -17.93 7.39
CA ILE C 129 -37.52 -16.54 7.13
C ILE C 129 -39.02 -16.33 7.30
N PHE C 130 -39.82 -17.27 6.79
CA PHE C 130 -41.26 -17.25 7.02
C PHE C 130 -41.58 -17.18 8.52
N THR C 131 -40.87 -17.99 9.33
CA THR C 131 -41.13 -18.00 10.76
C THR C 131 -40.70 -16.69 11.42
N ALA C 132 -39.55 -16.16 11.02
CA ALA C 132 -39.05 -14.92 11.62
C ALA C 132 -40.02 -13.77 11.39
N ASP C 133 -40.61 -13.68 10.19
CA ASP C 133 -41.58 -12.62 9.95
C ASP C 133 -42.88 -12.88 10.69
N MET C 134 -43.32 -14.15 10.75
CA MET C 134 -44.65 -14.45 11.29
C MET C 134 -44.71 -14.21 12.80
N VAL C 135 -43.69 -14.67 13.54
CA VAL C 135 -43.73 -14.52 14.99
C VAL C 135 -43.69 -13.04 15.37
N ARG C 136 -43.08 -12.20 14.54
CA ARG C 136 -43.11 -10.77 14.80
C ARG C 136 -44.49 -10.20 14.52
N TYR C 137 -45.17 -10.68 13.47
CA TYR C 137 -46.55 -10.29 13.24
C TYR C 137 -47.46 -10.81 14.34
N LEU C 138 -47.19 -12.03 14.83
CA LEU C 138 -47.93 -12.55 15.97
C LEU C 138 -47.71 -11.68 17.21
N GLY C 139 -46.51 -11.11 17.35
CA GLY C 139 -46.25 -10.24 18.48
C GLY C 139 -47.07 -8.96 18.44
N ASP C 140 -47.23 -8.39 17.25
CA ASP C 140 -48.06 -7.20 17.12
C ASP C 140 -49.51 -7.51 17.47
N GLY C 142 -50.26 -9.53 19.79
CA GLY C 142 -50.25 -9.85 21.21
C GLY C 142 -50.49 -11.31 21.53
N LEU C 143 -50.00 -12.20 20.66
CA LEU C 143 -50.13 -13.63 20.90
C LEU C 143 -48.81 -14.17 21.40
N PRO C 144 -48.68 -14.51 22.68
CA PRO C 144 -47.41 -15.04 23.19
C PRO C 144 -47.10 -16.40 22.58
N ASN C 145 -45.83 -16.58 22.22
CA ASN C 145 -45.40 -17.80 21.55
C ASN C 145 -43.91 -18.01 21.79
N VAL C 146 -43.49 -19.27 21.67
CA VAL C 146 -42.10 -19.65 21.74
C VAL C 146 -41.82 -20.58 20.56
N VAL C 147 -40.59 -20.49 20.02
CA VAL C 147 -40.23 -21.20 18.81
C VAL C 147 -39.14 -22.22 19.13
N ASP C 148 -39.34 -23.45 18.68
CA ASP C 148 -38.25 -24.41 18.59
C ASP C 148 -38.18 -24.90 17.15
N PHE C 149 -36.99 -25.36 16.77
CA PHE C 149 -36.70 -25.74 15.40
C PHE C 149 -36.53 -27.26 15.29
N ILE C 150 -36.91 -27.78 14.14
CA ILE C 150 -36.72 -29.19 13.82
C ILE C 150 -36.19 -29.28 12.40
N ARG C 151 -35.34 -30.27 12.17
CA ARG C 151 -34.80 -30.55 10.84
C ARG C 151 -35.32 -31.90 10.36
N ILE C 152 -35.72 -31.95 9.09
CA ILE C 152 -36.29 -33.16 8.52
C ILE C 152 -35.45 -33.66 7.35
N ASN C 170 -34.39 -32.25 15.28
CA ASN C 170 -34.13 -32.62 16.66
C ASN C 170 -34.80 -31.64 17.64
N LEU C 171 -35.96 -32.07 18.16
CA LEU C 171 -36.79 -31.24 19.03
C LEU C 171 -36.23 -31.22 20.45
N ARG C 172 -36.09 -30.02 21.03
CA ARG C 172 -35.63 -29.86 22.41
C ARG C 172 -36.73 -29.49 23.38
N PHE C 173 -37.79 -28.84 22.92
CA PHE C 173 -39.01 -28.72 23.72
C PHE C 173 -39.56 -30.11 23.99
N THR C 174 -39.84 -30.40 25.26
CA THR C 174 -40.31 -31.73 25.65
C THR C 174 -41.70 -31.75 26.26
N GLU C 175 -42.22 -30.63 26.75
CA GLU C 175 -43.52 -30.59 27.41
C GLU C 175 -44.59 -30.08 26.43
N LEU C 176 -44.89 -30.94 25.45
CA LEU C 176 -45.89 -30.63 24.43
C LEU C 176 -47.25 -31.24 24.73
N THR C 177 -47.33 -32.16 25.68
CA THR C 177 -48.60 -32.82 25.98
C THR C 177 -49.60 -31.83 26.57
N GLY C 178 -50.80 -31.80 26.01
CA GLY C 178 -51.82 -30.89 26.48
C GLY C 178 -51.60 -29.44 26.12
N LYS C 179 -50.71 -29.14 25.19
CA LYS C 179 -50.45 -27.78 24.75
C LYS C 179 -50.98 -27.57 23.34
N HIS C 180 -51.34 -26.32 23.05
CA HIS C 180 -51.65 -25.94 21.68
C HIS C 180 -50.33 -25.75 20.92
N VAL C 181 -50.18 -26.47 19.81
CA VAL C 181 -48.92 -26.50 19.07
C VAL C 181 -49.22 -26.10 17.63
N LEU C 182 -48.40 -25.20 17.10
CA LEU C 182 -48.54 -24.70 15.74
C LEU C 182 -47.24 -24.98 14.98
N ILE C 183 -47.35 -25.67 13.85
CA ILE C 183 -46.20 -25.92 12.99
C ILE C 183 -46.16 -24.86 11.90
N MET C 184 -44.99 -24.25 11.71
N MET C 184 -44.99 -24.25 11.73
CA MET C 184 -44.78 -23.27 10.65
CA MET C 184 -44.74 -23.29 10.66
C MET C 184 -43.89 -23.90 9.59
C MET C 184 -43.89 -23.98 9.61
N GLU C 185 -44.47 -24.19 8.43
CA GLU C 185 -43.80 -24.88 7.34
C GLU C 185 -43.79 -23.98 6.12
N ASP C 186 -42.80 -24.16 5.25
CA ASP C 186 -42.70 -23.28 4.09
C ASP C 186 -43.69 -23.67 3.00
N ILE C 187 -43.86 -24.97 2.73
CA ILE C 187 -44.74 -25.40 1.64
C ILE C 187 -45.25 -26.81 1.93
N ALA C 188 -46.48 -27.06 1.50
CA ALA C 188 -47.03 -28.40 1.42
C ALA C 188 -47.32 -28.70 -0.04
N ASP C 189 -46.72 -29.78 -0.55
CA ASP C 189 -46.92 -30.19 -1.94
C ASP C 189 -47.58 -31.57 -1.97
N THR C 190 -46.77 -32.63 -1.83
CA THR C 190 -47.33 -33.97 -1.74
C THR C 190 -48.05 -34.21 -0.42
N GLY C 191 -47.74 -33.40 0.59
CA GLY C 191 -48.30 -33.60 1.91
C GLY C 191 -47.61 -34.67 2.74
N ARG C 192 -46.67 -35.40 2.17
CA ARG C 192 -46.06 -36.52 2.88
C ARG C 192 -45.21 -36.04 4.06
N THR C 193 -44.48 -34.94 3.89
CA THR C 193 -43.61 -34.47 4.96
C THR C 193 -44.42 -34.06 6.19
N MET C 194 -45.46 -33.25 5.99
CA MET C 194 -46.23 -32.76 7.13
C MET C 194 -47.17 -33.83 7.69
N LYS C 195 -47.67 -34.75 6.85
CA LYS C 195 -48.47 -35.84 7.38
C LYS C 195 -47.67 -36.72 8.33
N LEU C 196 -46.42 -37.02 7.96
CA LEU C 196 -45.56 -37.81 8.85
C LEU C 196 -45.26 -37.05 10.14
N LEU C 197 -44.91 -35.77 10.03
CA LEU C 197 -44.58 -34.98 11.20
C LEU C 197 -45.77 -34.83 12.13
N VAL C 198 -46.93 -34.46 11.57
CA VAL C 198 -48.13 -34.29 12.39
C VAL C 198 -48.49 -35.60 13.08
N GLU C 199 -48.38 -36.73 12.36
CA GLU C 199 -48.70 -38.01 12.97
C GLU C 199 -47.69 -38.38 14.06
N LYS C 200 -46.42 -38.04 13.86
CA LYS C 200 -45.42 -38.34 14.88
C LYS C 200 -45.63 -37.51 16.14
N ILE C 201 -45.89 -36.21 16.00
CA ILE C 201 -46.08 -35.35 17.16
C ILE C 201 -47.32 -35.76 17.94
N ARG C 202 -48.41 -36.08 17.24
CA ARG C 202 -49.64 -36.46 17.92
C ARG C 202 -49.47 -37.75 18.71
N ARG C 203 -48.80 -38.73 18.12
CA ARG C 203 -48.68 -40.03 18.79
C ARG C 203 -47.61 -40.03 19.87
N GLU C 204 -46.66 -39.09 19.84
CA GLU C 204 -45.59 -39.09 20.81
C GLU C 204 -45.79 -38.05 21.92
N TYR C 205 -46.58 -37.02 21.69
CA TYR C 205 -46.84 -36.01 22.69
C TYR C 205 -48.32 -35.83 23.02
N ARG C 206 -49.21 -36.04 22.06
CA ARG C 206 -50.64 -35.76 22.19
C ARG C 206 -50.85 -34.33 22.66
N PRO C 207 -50.58 -33.33 21.83
CA PRO C 207 -50.88 -31.95 22.22
C PRO C 207 -52.40 -31.74 22.31
N ALA C 208 -52.77 -30.65 22.97
CA ALA C 208 -54.18 -30.28 23.03
C ALA C 208 -54.74 -30.02 21.65
N SER C 209 -53.95 -29.40 20.78
CA SER C 209 -54.30 -29.24 19.37
C SER C 209 -53.01 -29.07 18.58
N LEU C 210 -53.02 -29.60 17.35
CA LEU C 210 -51.86 -29.52 16.47
C LEU C 210 -52.34 -29.07 15.10
N LYS C 211 -51.83 -27.92 14.64
CA LYS C 211 -52.22 -27.35 13.36
C LYS C 211 -50.96 -26.91 12.62
N VAL C 212 -51.11 -26.72 11.31
CA VAL C 212 -49.99 -26.38 10.42
C VAL C 212 -50.30 -25.08 9.71
N CYS C 213 -49.32 -24.17 9.68
CA CYS C 213 -49.38 -22.95 8.91
C CYS C 213 -48.30 -22.98 7.85
N VAL C 214 -48.70 -23.01 6.58
CA VAL C 214 -47.76 -23.06 5.47
C VAL C 214 -47.78 -21.73 4.73
N LEU C 215 -46.60 -21.32 4.27
CA LEU C 215 -46.53 -20.12 3.43
C LEU C 215 -47.16 -20.34 2.07
N VAL C 216 -46.89 -21.49 1.46
CA VAL C 216 -47.42 -21.85 0.15
C VAL C 216 -48.05 -23.23 0.24
N ASP C 217 -49.26 -23.36 -0.30
CA ASP C 217 -49.92 -24.66 -0.45
C ASP C 217 -50.07 -24.94 -1.93
N LYS C 218 -49.70 -26.16 -2.35
CA LYS C 218 -49.88 -26.62 -3.72
C LYS C 218 -50.84 -27.80 -3.66
N PRO C 219 -52.15 -27.53 -3.54
CA PRO C 219 -53.11 -28.63 -3.34
C PRO C 219 -53.21 -29.59 -4.50
N GLY C 220 -52.83 -29.16 -5.70
CA GLY C 220 -52.83 -30.06 -6.84
C GLY C 220 -51.80 -31.17 -6.78
N GLY C 221 -50.84 -31.07 -5.87
CA GLY C 221 -49.80 -32.08 -5.73
C GLY C 221 -50.04 -33.11 -4.65
N ARG C 222 -51.21 -33.14 -4.04
CA ARG C 222 -51.46 -34.05 -2.93
C ARG C 222 -51.45 -35.50 -3.39
N VAL C 223 -50.64 -36.32 -2.72
CA VAL C 223 -50.69 -37.77 -2.88
C VAL C 223 -51.20 -38.47 -1.65
N VAL C 224 -51.26 -37.80 -0.50
CA VAL C 224 -51.79 -38.34 0.74
C VAL C 224 -52.75 -37.31 1.34
N ASP C 225 -53.48 -37.74 2.37
CA ASP C 225 -54.50 -36.90 3.00
C ASP C 225 -53.84 -35.99 4.03
N PHE C 226 -53.55 -34.76 3.62
CA PHE C 226 -53.06 -33.74 4.54
C PHE C 226 -53.64 -32.39 4.11
N LYS C 227 -54.30 -31.72 5.05
CA LYS C 227 -54.90 -30.41 4.79
C LYS C 227 -54.38 -29.41 5.82
N PRO C 228 -53.46 -28.51 5.44
CA PRO C 228 -53.01 -27.49 6.39
C PRO C 228 -54.16 -26.57 6.76
N GLU C 229 -54.24 -26.24 8.05
CA GLU C 229 -55.36 -25.42 8.51
C GLU C 229 -55.17 -23.96 8.13
N PHE C 230 -53.94 -23.50 8.00
CA PHE C 230 -53.65 -22.09 7.75
C PHE C 230 -52.73 -21.97 6.55
N VAL C 231 -53.25 -21.40 5.47
CA VAL C 231 -52.54 -21.28 4.20
C VAL C 231 -52.42 -19.81 3.85
N CYS C 232 -51.19 -19.35 3.62
CA CYS C 232 -50.97 -17.97 3.21
C CYS C 232 -51.16 -17.81 1.70
N LEU C 233 -50.38 -18.55 0.91
CA LEU C 233 -50.47 -18.49 -0.54
C LEU C 233 -50.82 -19.86 -1.11
N THR C 234 -51.63 -19.87 -2.15
CA THR C 234 -51.96 -21.08 -2.89
C THR C 234 -51.39 -20.96 -4.30
N ALA C 235 -50.66 -21.99 -4.73
CA ALA C 235 -49.91 -21.97 -5.97
C ALA C 235 -50.14 -23.26 -6.75
N PRO C 236 -49.95 -23.23 -8.07
CA PRO C 236 -50.05 -24.46 -8.86
C PRO C 236 -48.81 -25.32 -8.67
N THR C 237 -48.87 -26.53 -9.24
CA THR C 237 -47.79 -27.51 -9.11
C THR C 237 -46.62 -27.11 -10.00
N ARG C 238 -46.00 -25.98 -9.65
CA ARG C 238 -44.80 -25.49 -10.31
C ARG C 238 -43.73 -25.22 -9.25
N TYR C 239 -42.48 -25.40 -9.63
CA TYR C 239 -41.38 -25.20 -8.70
C TYR C 239 -41.13 -23.71 -8.52
N VAL C 240 -41.20 -23.25 -7.27
CA VAL C 240 -41.04 -21.83 -6.95
C VAL C 240 -39.73 -21.61 -6.20
N VAL C 241 -39.18 -20.40 -6.34
CA VAL C 241 -37.98 -19.98 -5.62
C VAL C 241 -38.23 -18.57 -5.07
N GLY C 242 -37.37 -18.17 -4.15
CA GLY C 242 -37.47 -16.88 -3.53
C GLY C 242 -38.19 -16.95 -2.19
N TYR C 243 -37.81 -16.06 -1.28
CA TYR C 243 -38.41 -15.94 0.04
C TYR C 243 -38.52 -17.29 0.74
N GLY C 244 -37.36 -17.88 1.00
CA GLY C 244 -37.25 -19.17 1.67
C GLY C 244 -37.05 -20.34 0.72
N PHE C 245 -37.61 -20.27 -0.48
CA PHE C 245 -37.49 -21.34 -1.45
C PHE C 245 -36.25 -21.14 -2.32
N GLU C 246 -35.64 -22.25 -2.73
CA GLU C 246 -34.33 -22.20 -3.35
C GLU C 246 -34.12 -23.37 -4.29
N VAL C 247 -33.09 -23.24 -5.13
CA VAL C 247 -32.50 -24.35 -5.85
C VAL C 247 -31.03 -24.41 -5.45
N ASN C 248 -30.64 -25.50 -4.78
CA ASN C 248 -29.31 -25.65 -4.19
C ASN C 248 -28.92 -24.40 -3.40
N ASP C 249 -29.88 -23.91 -2.61
CA ASP C 249 -29.77 -22.77 -1.70
C ASP C 249 -29.72 -21.42 -2.39
N ARG C 250 -29.70 -21.38 -3.72
CA ARG C 250 -29.72 -20.11 -4.43
C ARG C 250 -31.12 -19.51 -4.41
N TYR C 251 -31.18 -18.18 -4.38
CA TYR C 251 -32.39 -17.36 -4.41
C TYR C 251 -33.21 -17.43 -3.13
N ARG C 252 -32.66 -18.01 -2.05
CA ARG C 252 -33.44 -18.13 -0.83
C ARG C 252 -33.75 -16.77 -0.20
N ASN C 253 -32.85 -15.80 -0.36
CA ASN C 253 -32.99 -14.50 0.27
C ASN C 253 -33.70 -13.48 -0.60
N TYR C 254 -34.29 -13.88 -1.72
CA TYR C 254 -35.07 -12.94 -2.52
C TYR C 254 -36.36 -12.60 -1.79
N ARG C 255 -36.82 -11.36 -1.99
CA ARG C 255 -38.00 -10.87 -1.28
C ARG C 255 -39.30 -11.32 -1.91
N HIS C 256 -39.27 -11.89 -3.11
CA HIS C 256 -40.48 -12.31 -3.82
C HIS C 256 -40.38 -13.78 -4.18
N VAL C 257 -41.53 -14.37 -4.50
CA VAL C 257 -41.62 -15.77 -4.91
C VAL C 257 -41.89 -15.82 -6.41
N PHE C 258 -41.04 -16.54 -7.13
CA PHE C 258 -41.14 -16.67 -8.58
C PHE C 258 -41.36 -18.13 -8.95
N VAL C 259 -41.97 -18.33 -10.11
CA VAL C 259 -41.92 -19.65 -10.77
C VAL C 259 -40.58 -19.75 -11.48
N LEU C 260 -39.81 -20.78 -11.15
CA LEU C 260 -38.48 -20.93 -11.72
C LEU C 260 -38.56 -21.47 -13.14
N LYS C 261 -37.73 -20.91 -14.02
CA LYS C 261 -37.57 -21.47 -15.35
C LYS C 261 -37.02 -22.89 -15.24
N PRO C 262 -37.62 -23.87 -15.92
CA PRO C 262 -37.10 -25.25 -15.80
C PRO C 262 -35.66 -25.39 -16.24
N GLU C 263 -35.19 -24.59 -17.19
CA GLU C 263 -33.81 -24.67 -17.64
C GLU C 263 -32.83 -24.08 -16.62
N TYR C 264 -33.31 -23.48 -15.55
CA TYR C 264 -32.47 -22.97 -14.48
C TYR C 264 -32.37 -23.94 -13.30
N ALA C 265 -33.07 -25.07 -13.34
CA ALA C 265 -33.11 -25.97 -12.19
C ALA C 265 -31.74 -26.56 -11.90
N LYS C 266 -30.94 -26.84 -12.93
CA LYS C 266 -29.65 -27.49 -12.77
C LYS C 266 -28.49 -26.53 -13.06
N ARG C 267 -28.72 -25.23 -12.85
CA ARG C 267 -27.68 -24.24 -13.15
C ARG C 267 -26.51 -24.31 -12.18
N TYR C 268 -26.77 -24.68 -10.92
CA TYR C 268 -25.72 -24.80 -9.90
C TYR C 268 -25.80 -26.19 -9.29
N PRO C 269 -25.28 -27.22 -9.98
CA PRO C 269 -25.37 -28.58 -9.47
C PRO C 269 -24.28 -28.99 -8.50
N SER C 270 -23.21 -28.21 -8.35
CA SER C 270 -22.10 -28.60 -7.50
C SER C 270 -22.51 -28.59 -6.04
N LYS C 271 -22.15 -29.66 -5.32
CA LYS C 271 -22.56 -29.83 -3.93
C LYS C 271 -21.97 -28.73 -3.05
N LEU C 272 -22.77 -28.26 -2.10
CA LEU C 272 -22.33 -27.25 -1.15
C LEU C 272 -21.66 -27.89 0.07
N PRO D 47 9.78 -2.42 -2.34
CA PRO D 47 10.80 -1.75 -3.17
C PRO D 47 10.74 -2.20 -4.63
N ASN D 48 10.80 -1.24 -5.54
CA ASN D 48 10.67 -1.52 -6.96
C ASN D 48 12.01 -1.95 -7.55
N PHE D 49 11.95 -2.84 -8.53
CA PHE D 49 13.13 -3.37 -9.20
C PHE D 49 13.32 -2.64 -10.52
N VAL D 50 14.50 -2.06 -10.71
CA VAL D 50 14.83 -1.29 -11.91
C VAL D 50 15.81 -2.09 -12.74
N GLY D 51 15.50 -2.26 -14.03
CA GLY D 51 16.40 -2.95 -14.93
C GLY D 51 16.32 -2.42 -16.35
N ARG D 52 16.80 -3.21 -17.30
CA ARG D 52 16.71 -2.90 -18.73
C ARG D 52 16.13 -4.10 -19.45
N ASP D 53 15.30 -3.84 -20.47
CA ASP D 53 14.70 -4.93 -21.22
C ASP D 53 15.63 -5.36 -22.36
N ALA D 54 15.12 -6.18 -23.27
CA ALA D 54 15.96 -6.71 -24.34
C ALA D 54 16.41 -5.62 -25.30
N ASP D 55 15.65 -4.54 -25.43
CA ASP D 55 15.96 -3.45 -26.34
C ASP D 55 16.64 -2.28 -25.65
N GLY D 56 17.09 -2.45 -24.41
CA GLY D 56 17.76 -1.39 -23.69
C GLY D 56 16.84 -0.38 -23.03
N ASN D 57 15.54 -0.58 -23.07
CA ASN D 57 14.61 0.34 -22.42
C ASN D 57 14.62 0.14 -20.92
N VAL D 58 14.35 1.22 -20.19
CA VAL D 58 14.24 1.15 -18.74
C VAL D 58 13.02 0.35 -18.35
N THR D 59 13.20 -0.61 -17.45
CA THR D 59 12.09 -1.33 -16.84
C THR D 59 12.02 -1.02 -15.35
N VAL D 60 10.80 -0.94 -14.83
CA VAL D 60 10.55 -0.90 -13.40
C VAL D 60 9.50 -1.95 -13.08
N ASP D 61 9.85 -2.92 -12.25
CA ASP D 61 8.97 -4.04 -11.92
C ASP D 61 8.51 -4.76 -13.18
N GLY D 62 9.42 -4.89 -14.15
CA GLY D 62 9.16 -5.63 -15.36
C GLY D 62 8.41 -4.89 -16.44
N ARG D 63 7.94 -3.67 -16.18
CA ARG D 63 7.23 -2.88 -17.16
C ARG D 63 8.19 -1.92 -17.84
N SER D 64 8.18 -1.92 -19.18
CA SER D 64 9.10 -1.10 -19.95
C SER D 64 8.60 0.34 -20.09
N TYR D 65 9.54 1.27 -20.10
CA TYR D 65 9.25 2.70 -20.27
C TYR D 65 10.13 3.23 -21.40
N PRO D 66 9.66 3.13 -22.65
CA PRO D 66 10.50 3.53 -23.78
C PRO D 66 10.87 5.01 -23.81
N MET D 67 10.09 5.85 -23.14
CA MET D 67 10.37 7.29 -23.11
C MET D 67 11.45 7.68 -22.12
N ALA D 68 11.85 6.77 -21.24
CA ALA D 68 12.70 7.11 -20.12
C ALA D 68 14.17 6.92 -20.48
N GLU D 69 14.98 7.92 -20.12
CA GLU D 69 16.43 7.77 -20.20
C GLU D 69 16.98 7.04 -18.99
N SER D 70 16.46 7.33 -17.80
CA SER D 70 16.88 6.68 -16.58
C SER D 70 15.82 6.96 -15.52
N VAL D 71 15.96 6.30 -14.37
CA VAL D 71 15.06 6.46 -13.24
C VAL D 71 15.66 7.47 -12.27
N VAL D 72 14.87 8.48 -11.90
CA VAL D 72 15.29 9.41 -10.85
C VAL D 72 14.96 8.84 -9.47
N ALA D 73 13.73 8.38 -9.29
CA ALA D 73 13.30 7.80 -8.02
C ALA D 73 12.08 6.94 -8.26
N THR D 74 12.11 5.71 -7.75
CA THR D 74 10.96 4.83 -7.87
C THR D 74 9.89 5.19 -6.85
N GLU D 75 8.73 4.56 -6.99
CA GLU D 75 7.58 4.87 -6.15
C GLU D 75 7.92 4.70 -4.65
N SER D 76 8.51 3.56 -4.30
CA SER D 76 8.82 3.30 -2.89
C SER D 76 9.81 4.33 -2.34
N THR D 77 10.77 4.75 -3.16
CA THR D 77 11.68 5.81 -2.74
C THR D 77 10.94 7.14 -2.57
N ILE D 78 10.05 7.46 -3.53
CA ILE D 78 9.27 8.69 -3.43
C ILE D 78 8.41 8.68 -2.18
N HIS D 79 7.75 7.55 -1.90
CA HIS D 79 6.84 7.51 -0.76
C HIS D 79 7.58 7.49 0.56
N ARG D 80 8.79 6.91 0.60
CA ARG D 80 9.59 7.02 1.81
C ARG D 80 9.97 8.48 2.07
N SER D 81 10.37 9.19 1.02
CA SER D 81 10.74 10.61 1.16
C SER D 81 9.54 11.43 1.63
N MET D 82 8.36 11.16 1.08
CA MET D 82 7.18 11.92 1.47
C MET D 82 6.71 11.58 2.88
N LYS D 83 6.89 10.33 3.31
CA LYS D 83 6.52 9.96 4.67
C LYS D 83 7.40 10.66 5.69
N GLU D 84 8.70 10.72 5.43
CA GLU D 84 9.59 11.46 6.32
C GLU D 84 9.27 12.96 6.27
N MET D 85 8.91 13.47 5.08
CA MET D 85 8.53 14.87 4.97
C MET D 85 7.26 15.17 5.76
N ALA D 86 6.30 14.23 5.75
CA ALA D 86 5.08 14.42 6.52
C ALA D 86 5.38 14.58 8.01
N GLN D 87 6.30 13.77 8.53
CA GLN D 87 6.72 13.94 9.91
C GLN D 87 7.44 15.26 10.10
N THR D 88 8.29 15.65 9.15
CA THR D 88 8.94 16.94 9.22
C THR D 88 7.93 18.09 9.25
N LEU D 89 6.91 18.03 8.39
CA LEU D 89 5.89 19.07 8.40
C LEU D 89 5.09 19.06 9.70
N ALA D 90 4.79 17.86 10.21
CA ALA D 90 4.03 17.78 11.45
C ALA D 90 4.82 18.37 12.62
N ASN D 91 6.11 18.04 12.70
CA ASN D 91 6.93 18.57 13.78
C ASN D 91 7.06 20.08 13.70
N ALA D 92 7.00 20.64 12.48
CA ALA D 92 7.17 22.07 12.31
C ALA D 92 5.89 22.86 12.61
N TYR D 93 4.72 22.24 12.44
CA TYR D 93 3.46 22.97 12.56
C TYR D 93 2.60 22.57 13.74
N LYS D 94 2.77 21.36 14.30
CA LYS D 94 1.80 20.83 15.24
C LYS D 94 1.67 21.70 16.49
N THR D 95 2.73 22.42 16.86
CA THR D 95 2.72 23.23 18.06
C THR D 95 2.34 24.68 17.80
N LEU D 96 2.40 25.13 16.55
CA LEU D 96 2.17 26.52 16.23
C LEU D 96 0.71 26.91 16.49
N LYS D 97 0.49 28.21 16.64
CA LYS D 97 -0.83 28.77 16.85
C LYS D 97 -1.05 29.91 15.85
N HIS D 98 -2.31 30.14 15.50
CA HIS D 98 -2.66 31.17 14.53
C HIS D 98 -4.09 31.65 14.80
N ARG D 99 -4.58 32.50 13.91
CA ARG D 99 -5.84 33.21 14.15
C ARG D 99 -7.01 32.25 14.24
N ASP D 100 -7.88 32.49 15.23
CA ASP D 100 -9.09 31.69 15.45
C ASP D 100 -10.21 32.24 14.58
N THR D 101 -10.54 31.51 13.51
CA THR D 101 -11.72 31.83 12.70
C THR D 101 -12.88 30.89 12.97
N HIS D 102 -12.67 29.80 13.70
CA HIS D 102 -13.77 28.93 14.09
C HIS D 102 -14.70 29.64 15.08
N ASN D 103 -14.12 30.24 16.12
CA ASN D 103 -14.84 31.05 17.09
C ASN D 103 -14.28 32.47 16.96
N LYS D 104 -14.92 33.30 16.14
CA LYS D 104 -14.44 34.65 15.91
C LYS D 104 -14.52 35.51 17.17
N GLY D 105 -15.28 35.07 18.18
CA GLY D 105 -15.34 35.73 19.47
C GLY D 105 -14.15 35.50 20.37
N ASN D 106 -13.24 34.61 19.99
CA ASN D 106 -12.04 34.34 20.77
C ASN D 106 -10.90 35.23 20.29
N SER D 107 -10.37 36.07 21.18
CA SER D 107 -9.32 37.00 20.80
C SER D 107 -7.95 36.35 20.75
N ALA D 108 -7.74 35.25 21.48
CA ALA D 108 -6.42 34.65 21.58
C ALA D 108 -6.09 33.82 20.34
N LEU D 109 -4.81 33.51 20.19
CA LEU D 109 -4.38 32.63 19.11
C LEU D 109 -4.77 31.19 19.43
N ALA D 110 -5.24 30.48 18.40
CA ALA D 110 -5.70 29.12 18.60
C ALA D 110 -4.70 28.12 18.01
N PRO D 111 -4.57 26.95 18.63
CA PRO D 111 -3.69 25.91 18.07
C PRO D 111 -4.24 25.38 16.75
N ILE D 112 -3.40 24.62 16.07
CA ILE D 112 -3.77 24.01 14.80
C ILE D 112 -4.60 22.77 15.10
N THR D 113 -5.89 22.83 14.80
CA THR D 113 -6.84 21.76 15.10
C THR D 113 -7.76 21.58 13.89
N ASP D 114 -8.74 20.70 14.03
CA ASP D 114 -9.81 20.63 13.03
C ASP D 114 -10.62 21.93 12.99
N GLU D 115 -10.63 22.68 14.09
CA GLU D 115 -11.32 23.96 14.09
C GLU D 115 -10.57 25.00 13.27
N ASN D 116 -9.24 25.05 13.40
CA ASN D 116 -8.39 25.96 12.64
C ASN D 116 -7.21 25.18 12.08
N PRO D 117 -7.41 24.47 10.98
CA PRO D 117 -6.36 23.61 10.45
C PRO D 117 -5.28 24.41 9.73
N LEU D 118 -4.22 23.68 9.36
CA LEU D 118 -3.22 24.24 8.47
C LEU D 118 -3.82 24.45 7.09
N ILE D 119 -3.60 25.62 6.52
CA ILE D 119 -4.11 25.95 5.19
C ILE D 119 -3.07 25.52 4.16
N ILE D 120 -3.44 24.60 3.29
CA ILE D 120 -2.56 24.09 2.25
C ILE D 120 -3.06 24.57 0.90
N ILE D 121 -2.17 25.21 0.14
CA ILE D 121 -2.47 25.67 -1.21
C ILE D 121 -1.74 24.75 -2.18
N SER D 122 -2.51 24.03 -2.99
CA SER D 122 -1.98 23.05 -3.94
C SER D 122 -2.08 23.61 -5.35
N VAL D 123 -0.97 23.57 -6.09
CA VAL D 123 -0.88 24.19 -7.41
C VAL D 123 -1.29 23.15 -8.45
N LEU D 124 -2.41 23.39 -9.13
CA LEU D 124 -2.82 22.54 -10.23
C LEU D 124 -2.03 22.89 -11.49
N LYS D 125 -1.81 21.89 -12.35
CA LYS D 125 -2.29 20.52 -12.16
C LYS D 125 -1.19 19.62 -11.61
N GLY D 126 0.06 20.09 -11.72
CA GLY D 126 1.22 19.24 -11.49
C GLY D 126 1.33 18.70 -10.08
N SER D 127 0.62 19.28 -9.12
CA SER D 127 0.78 18.92 -7.72
C SER D 127 -0.38 18.10 -7.16
N TYR D 128 -1.38 17.74 -7.97
CA TYR D 128 -2.59 17.14 -7.39
C TYR D 128 -2.33 15.71 -6.91
N ILE D 129 -1.50 14.95 -7.62
CA ILE D 129 -1.18 13.60 -7.16
C ILE D 129 -0.25 13.65 -5.95
N PHE D 130 0.76 14.54 -6.00
CA PHE D 130 1.63 14.76 -4.86
C PHE D 130 0.83 15.21 -3.63
N THR D 131 -0.10 16.15 -3.82
CA THR D 131 -0.90 16.64 -2.70
C THR D 131 -1.81 15.55 -2.15
N ALA D 132 -2.35 14.70 -3.03
CA ALA D 132 -3.25 13.63 -2.58
C ALA D 132 -2.54 12.69 -1.61
N ASP D 133 -1.29 12.31 -1.91
CA ASP D 133 -0.59 11.40 -1.03
C ASP D 133 -0.11 12.10 0.24
N MET D 134 0.30 13.38 0.11
CA MET D 134 0.89 14.09 1.24
C MET D 134 -0.14 14.32 2.35
N VAL D 135 -1.36 14.75 1.98
CA VAL D 135 -2.36 15.04 3.00
C VAL D 135 -2.77 13.77 3.74
N ARG D 136 -2.72 12.61 3.07
CA ARG D 136 -3.01 11.36 3.76
C ARG D 136 -1.87 11.00 4.71
N TYR D 137 -0.62 11.24 4.29
CA TYR D 137 0.50 11.04 5.20
C TYR D 137 0.46 12.03 6.36
N LEU D 138 0.01 13.27 6.09
CA LEU D 138 -0.17 14.23 7.16
C LEU D 138 -1.26 13.79 8.13
N GLY D 139 -2.31 13.14 7.61
CA GLY D 139 -3.32 12.58 8.48
C GLY D 139 -2.79 11.48 9.37
N ASP D 140 -1.88 10.66 8.84
CA ASP D 140 -1.20 9.63 9.63
C ASP D 140 -0.45 10.28 10.78
N GLY D 142 -1.30 13.04 12.20
CA GLY D 142 -2.24 13.77 13.04
C GLY D 142 -2.18 15.28 12.93
N LEU D 143 -1.82 15.79 11.74
CA LEU D 143 -1.75 17.22 11.51
C LEU D 143 -2.99 17.67 10.76
N PRO D 144 -3.93 18.38 11.39
CA PRO D 144 -5.13 18.82 10.68
C PRO D 144 -4.81 19.82 9.59
N ASN D 145 -5.42 19.63 8.43
CA ASN D 145 -5.16 20.48 7.28
C ASN D 145 -6.36 20.47 6.35
N VAL D 146 -6.46 21.54 5.55
CA VAL D 146 -7.44 21.65 4.48
C VAL D 146 -6.72 22.16 3.25
N VAL D 147 -7.22 21.75 2.08
CA VAL D 147 -6.53 22.01 0.82
C VAL D 147 -7.45 22.81 -0.09
N ASP D 148 -6.92 23.90 -0.65
CA ASP D 148 -7.54 24.60 -1.77
C ASP D 148 -6.55 24.63 -2.92
N PHE D 149 -7.07 24.79 -4.13
CA PHE D 149 -6.28 24.67 -5.35
C PHE D 149 -6.12 26.02 -6.02
N ILE D 150 -4.95 26.24 -6.62
CA ILE D 150 -4.69 27.39 -7.48
C ILE D 150 -4.15 26.88 -8.80
N ARG D 151 -4.51 27.57 -9.88
CA ARG D 151 -3.99 27.30 -11.21
C ARG D 151 -3.34 28.56 -11.74
N ILE D 152 -2.10 28.44 -12.21
CA ILE D 152 -1.35 29.61 -12.65
C ILE D 152 -1.01 29.54 -14.15
N ASN D 170 -7.60 29.76 -9.58
CA ASN D 170 -7.60 30.68 -8.44
C ASN D 170 -8.39 30.09 -7.26
N LEU D 171 -8.03 30.53 -6.06
CA LEU D 171 -8.58 29.98 -4.83
C LEU D 171 -10.00 30.48 -4.57
N ARG D 172 -10.70 29.75 -3.71
CA ARG D 172 -11.97 30.17 -3.14
C ARG D 172 -11.91 30.34 -1.63
N PHE D 173 -10.83 29.87 -0.98
CA PHE D 173 -10.57 30.24 0.41
C PHE D 173 -10.32 31.75 0.48
N THR D 174 -10.86 32.38 1.52
CA THR D 174 -10.73 33.83 1.69
C THR D 174 -10.20 34.26 3.04
N GLU D 175 -10.22 33.41 4.07
CA GLU D 175 -9.79 33.79 5.41
C GLU D 175 -8.40 33.21 5.70
N LEU D 176 -7.41 33.80 5.04
CA LEU D 176 -6.02 33.38 5.20
C LEU D 176 -5.20 34.32 6.06
N THR D 177 -5.75 35.48 6.41
CA THR D 177 -5.00 36.45 7.22
C THR D 177 -4.72 35.87 8.61
N GLY D 178 -3.47 35.97 9.03
CA GLY D 178 -3.09 35.46 10.34
C GLY D 178 -3.09 33.95 10.46
N LYS D 179 -3.11 33.24 9.35
CA LYS D 179 -3.09 31.79 9.33
C LYS D 179 -1.72 31.27 8.91
N HIS D 180 -1.44 30.04 9.31
CA HIS D 180 -0.28 29.33 8.79
C HIS D 180 -0.65 28.69 7.48
N VAL D 181 0.03 29.10 6.39
CA VAL D 181 -0.26 28.62 5.05
C VAL D 181 0.96 27.89 4.51
N LEU D 182 0.72 26.73 3.90
CA LEU D 182 1.76 25.92 3.29
C LEU D 182 1.40 25.69 1.83
N ILE D 183 2.34 26.01 0.93
CA ILE D 183 2.15 25.77 -0.49
C ILE D 183 2.74 24.42 -0.84
N MET D 184 2.00 23.64 -1.63
N MET D 184 1.98 23.63 -1.61
CA MET D 184 2.43 22.32 -2.07
CA MET D 184 2.41 22.33 -2.09
C MET D 184 2.56 22.34 -3.59
C MET D 184 2.56 22.42 -3.60
N GLU D 185 3.80 22.34 -4.08
CA GLU D 185 4.09 22.48 -5.50
C GLU D 185 4.92 21.28 -5.96
N ASP D 186 4.79 20.94 -7.24
CA ASP D 186 5.49 19.77 -7.77
C ASP D 186 6.99 20.00 -7.84
N ILE D 187 7.44 21.16 -8.33
CA ILE D 187 8.86 21.35 -8.61
C ILE D 187 9.24 22.82 -8.48
N ALA D 188 10.45 23.07 -8.00
CA ALA D 188 11.09 24.37 -8.06
C ALA D 188 12.32 24.26 -8.94
N ASP D 189 12.33 24.99 -10.05
CA ASP D 189 13.45 24.94 -10.98
C ASP D 189 14.11 26.31 -11.04
N THR D 190 13.65 27.17 -11.95
CA THR D 190 14.15 28.54 -11.98
C THR D 190 13.76 29.29 -10.71
N GLY D 191 12.66 28.88 -10.06
CA GLY D 191 12.14 29.55 -8.89
C GLY D 191 11.15 30.64 -9.18
N ARG D 192 10.96 31.02 -10.45
CA ARG D 192 10.08 32.14 -10.77
C ARG D 192 8.64 31.87 -10.38
N THR D 193 8.17 30.63 -10.57
CA THR D 193 6.77 30.33 -10.31
C THR D 193 6.43 30.53 -8.84
N MET D 194 7.29 30.01 -7.95
CA MET D 194 7.02 30.14 -6.53
C MET D 194 7.39 31.50 -5.97
N LYS D 195 8.42 32.16 -6.54
CA LYS D 195 8.70 33.52 -6.11
C LYS D 195 7.51 34.44 -6.35
N LEU D 196 6.85 34.28 -7.50
CA LEU D 196 5.67 35.11 -7.81
C LEU D 196 4.48 34.71 -6.93
N LEU D 197 4.34 33.41 -6.65
CA LEU D 197 3.18 32.98 -5.88
C LEU D 197 3.27 33.41 -4.43
N VAL D 198 4.45 33.28 -3.82
CA VAL D 198 4.61 33.69 -2.43
C VAL D 198 4.40 35.19 -2.27
N GLU D 199 4.94 35.98 -3.21
CA GLU D 199 4.74 37.42 -3.16
C GLU D 199 3.27 37.78 -3.31
N LYS D 200 2.55 37.06 -4.18
CA LYS D 200 1.14 37.36 -4.39
C LYS D 200 0.31 37.01 -3.16
N ILE D 201 0.57 35.86 -2.54
CA ILE D 201 -0.21 35.45 -1.37
C ILE D 201 0.12 36.33 -0.18
N ARG D 202 1.40 36.69 0.00
CA ARG D 202 1.77 37.53 1.13
C ARG D 202 1.13 38.91 1.03
N ARG D 203 1.08 39.48 -0.17
CA ARG D 203 0.56 40.83 -0.33
C ARG D 203 -0.96 40.88 -0.29
N GLU D 204 -1.63 39.79 -0.69
CA GLU D 204 -3.09 39.78 -0.79
C GLU D 204 -3.77 39.13 0.40
N TYR D 205 -3.03 38.43 1.25
CA TYR D 205 -3.66 37.73 2.38
C TYR D 205 -2.96 38.03 3.70
N ARG D 206 -1.64 38.24 3.64
CA ARG D 206 -0.78 38.39 4.82
C ARG D 206 -1.08 37.25 5.79
N PRO D 207 -0.50 36.08 5.56
CA PRO D 207 -0.63 34.98 6.52
C PRO D 207 0.33 35.15 7.68
N ALA D 208 0.04 34.42 8.76
CA ALA D 208 0.96 34.38 9.89
C ALA D 208 2.32 33.83 9.46
N SER D 209 2.31 32.85 8.56
CA SER D 209 3.54 32.31 7.99
C SER D 209 3.19 31.71 6.64
N LEU D 210 4.16 31.73 5.74
CA LEU D 210 3.98 31.20 4.39
C LEU D 210 5.23 30.42 4.00
N LYS D 211 5.10 29.12 3.82
CA LYS D 211 6.21 28.25 3.47
C LYS D 211 5.86 27.43 2.23
N VAL D 212 6.88 26.84 1.62
CA VAL D 212 6.72 26.11 0.37
C VAL D 212 7.30 24.70 0.55
N CYS D 213 6.51 23.69 0.21
CA CYS D 213 6.96 22.30 0.15
C CYS D 213 6.88 21.82 -1.29
N VAL D 214 8.01 21.40 -1.85
CA VAL D 214 8.06 20.92 -3.22
C VAL D 214 8.41 19.44 -3.21
N LEU D 215 7.91 18.72 -4.23
CA LEU D 215 8.27 17.32 -4.40
C LEU D 215 9.69 17.18 -4.93
N VAL D 216 10.06 18.01 -5.90
CA VAL D 216 11.38 17.96 -6.53
C VAL D 216 11.96 19.37 -6.52
N ASP D 217 13.20 19.49 -6.08
CA ASP D 217 13.94 20.74 -6.17
C ASP D 217 15.10 20.56 -7.13
N LYS D 218 15.29 21.56 -7.99
CA LYS D 218 16.44 21.63 -8.91
C LYS D 218 17.23 22.89 -8.55
N PRO D 219 18.09 22.81 -7.53
CA PRO D 219 18.84 24.01 -7.13
C PRO D 219 19.78 24.52 -8.21
N GLY D 220 20.20 23.65 -9.14
CA GLY D 220 21.02 24.10 -10.25
C GLY D 220 20.30 24.95 -11.27
N GLY D 221 18.98 25.08 -11.16
CA GLY D 221 18.23 25.89 -12.11
C GLY D 221 17.86 27.26 -11.57
N ARG D 222 18.10 27.48 -10.29
CA ARG D 222 17.63 28.69 -9.62
C ARG D 222 18.29 29.93 -10.20
N VAL D 223 17.47 30.81 -10.77
CA VAL D 223 17.94 32.09 -11.32
C VAL D 223 17.30 33.28 -10.65
N VAL D 224 16.38 33.07 -9.71
CA VAL D 224 15.80 34.14 -8.91
C VAL D 224 15.96 33.77 -7.44
N ASP D 225 15.65 34.73 -6.57
CA ASP D 225 15.85 34.58 -5.13
C ASP D 225 14.67 33.82 -4.54
N PHE D 226 14.75 32.49 -4.59
CA PHE D 226 13.74 31.65 -3.96
C PHE D 226 14.38 30.34 -3.50
N LYS D 227 13.99 29.91 -2.30
CA LYS D 227 14.49 28.66 -1.71
C LYS D 227 13.34 28.00 -0.96
N PRO D 228 12.85 26.85 -1.40
CA PRO D 228 11.75 26.19 -0.70
C PRO D 228 12.21 25.64 0.64
N GLU D 229 11.36 25.81 1.66
CA GLU D 229 11.73 25.41 3.01
C GLU D 229 11.77 23.88 3.13
N PHE D 230 10.87 23.19 2.47
CA PHE D 230 10.75 21.74 2.56
C PHE D 230 10.90 21.12 1.17
N VAL D 231 11.83 20.17 1.05
CA VAL D 231 12.14 19.53 -0.22
C VAL D 231 12.16 18.02 -0.02
N CYS D 232 11.39 17.31 -0.84
CA CYS D 232 11.40 15.85 -0.79
C CYS D 232 12.59 15.27 -1.55
N LEU D 233 12.75 15.64 -2.83
CA LEU D 233 13.80 15.11 -3.67
C LEU D 233 14.59 16.25 -4.31
N THR D 234 15.89 16.03 -4.49
CA THR D 234 16.77 16.94 -5.20
C THR D 234 17.23 16.28 -6.49
N ALA D 235 17.05 16.97 -7.61
CA ALA D 235 17.28 16.44 -8.94
C ALA D 235 18.24 17.32 -9.71
N PRO D 236 18.93 16.78 -10.70
CA PRO D 236 19.74 17.62 -11.59
C PRO D 236 18.86 18.41 -12.55
N THR D 237 19.48 19.28 -13.35
CA THR D 237 18.76 20.12 -14.31
C THR D 237 18.46 19.33 -15.58
N ARG D 238 17.63 18.29 -15.42
CA ARG D 238 17.15 17.49 -16.53
C ARG D 238 15.62 17.47 -16.49
N TYR D 239 15.00 17.32 -17.66
CA TYR D 239 13.55 17.26 -17.74
C TYR D 239 13.06 15.90 -17.26
N VAL D 240 12.23 15.88 -16.23
CA VAL D 240 11.70 14.64 -15.65
C VAL D 240 10.22 14.53 -15.97
N VAL D 241 9.74 13.28 -15.99
CA VAL D 241 8.32 12.98 -16.17
C VAL D 241 7.94 11.85 -15.22
N GLY D 242 6.64 11.70 -15.01
CA GLY D 242 6.11 10.72 -14.10
C GLY D 242 5.73 11.32 -12.76
N TYR D 243 4.71 10.74 -12.14
CA TYR D 243 4.24 11.13 -10.81
C TYR D 243 3.97 12.63 -10.73
N GLY D 244 3.10 13.10 -11.64
CA GLY D 244 2.74 14.50 -11.71
C GLY D 244 3.42 15.28 -12.81
N PHE D 245 4.64 14.90 -13.18
CA PHE D 245 5.37 15.55 -14.27
C PHE D 245 5.03 14.88 -15.59
N GLU D 246 5.04 15.67 -16.66
CA GLU D 246 4.45 15.21 -17.91
C GLU D 246 5.09 15.90 -19.12
N VAL D 247 4.78 15.37 -20.30
CA VAL D 247 5.03 16.03 -21.58
C VAL D 247 3.67 16.17 -22.25
N ASN D 248 3.13 17.39 -22.25
CA ASN D 248 1.78 17.64 -22.75
C ASN D 248 0.79 16.64 -22.15
N ASP D 249 0.85 16.52 -20.82
CA ASP D 249 -0.01 15.72 -19.93
C ASP D 249 0.29 14.21 -20.00
N ARG D 250 1.07 13.73 -20.97
CA ARG D 250 1.43 12.33 -21.01
C ARG D 250 2.40 11.99 -19.88
N TYR D 251 2.30 10.74 -19.39
CA TYR D 251 3.14 10.16 -18.34
C TYR D 251 2.85 10.71 -16.95
N ARG D 252 1.83 11.56 -16.81
CA ARG D 252 1.55 12.16 -15.51
C ARG D 252 1.16 11.12 -14.47
N ASN D 253 0.50 10.03 -14.89
CA ASN D 253 -0.01 9.02 -13.99
C ASN D 253 0.98 7.90 -13.68
N TYR D 254 2.20 7.98 -14.18
CA TYR D 254 3.19 6.96 -13.87
C TYR D 254 3.63 7.07 -12.41
N ARG D 255 3.90 5.93 -11.79
CA ARG D 255 4.23 5.89 -10.36
C ARG D 255 5.67 6.26 -10.06
N HIS D 256 6.53 6.38 -11.07
CA HIS D 256 7.93 6.70 -10.86
C HIS D 256 8.32 7.94 -11.64
N VAL D 257 9.40 8.57 -11.21
CA VAL D 257 9.93 9.77 -11.87
C VAL D 257 11.13 9.34 -12.71
N PHE D 258 11.08 9.66 -14.00
CA PHE D 258 12.12 9.30 -14.96
C PHE D 258 12.74 10.56 -15.54
N VAL D 259 14.02 10.48 -15.89
CA VAL D 259 14.60 11.45 -16.81
C VAL D 259 14.08 11.14 -18.21
N LEU D 260 13.53 12.15 -18.87
CA LEU D 260 12.97 11.95 -20.20
C LEU D 260 14.07 11.94 -21.25
N LYS D 261 13.94 11.05 -22.23
CA LYS D 261 14.79 11.10 -23.40
C LYS D 261 14.55 12.43 -24.13
N PRO D 262 15.60 13.17 -24.49
CA PRO D 262 15.38 14.41 -25.25
C PRO D 262 14.60 14.20 -26.54
N GLU D 263 14.71 13.02 -27.15
CA GLU D 263 13.97 12.74 -28.38
C GLU D 263 12.46 12.74 -28.16
N TYR D 264 12.00 12.57 -26.92
CA TYR D 264 10.58 12.55 -26.61
C TYR D 264 10.04 13.92 -26.18
N ALA D 265 10.91 14.93 -26.09
CA ALA D 265 10.48 16.23 -25.57
C ALA D 265 9.43 16.87 -26.46
N LYS D 266 9.54 16.73 -27.77
CA LYS D 266 8.62 17.31 -28.73
C LYS D 266 7.78 16.25 -29.42
N ARG D 267 7.36 15.23 -28.68
CA ARG D 267 6.69 14.09 -29.30
C ARG D 267 5.19 14.33 -29.51
N TYR D 268 4.56 15.14 -28.65
CA TYR D 268 3.13 15.41 -28.71
C TYR D 268 2.91 16.91 -28.80
N PRO D 269 3.06 17.49 -30.00
CA PRO D 269 2.91 18.94 -30.15
C PRO D 269 1.47 19.42 -30.28
N SER D 270 0.53 18.52 -30.51
CA SER D 270 -0.85 18.94 -30.80
C SER D 270 -1.59 19.30 -29.51
N LYS D 271 -2.35 20.39 -29.59
CA LYS D 271 -3.06 20.89 -28.42
C LYS D 271 -4.12 19.89 -27.95
N LEU D 272 -4.25 19.75 -26.63
CA LEU D 272 -5.30 18.93 -26.06
C LEU D 272 -6.59 19.73 -25.94
N PRO E 47 18.12 -4.82 -5.11
CA PRO E 47 17.27 -3.80 -4.47
C PRO E 47 17.33 -3.88 -2.95
N ASN E 48 17.79 -2.81 -2.32
CA ASN E 48 17.93 -2.77 -0.87
C ASN E 48 16.63 -2.30 -0.21
N PHE E 49 16.30 -2.93 0.92
CA PHE E 49 15.08 -2.62 1.65
C PHE E 49 15.37 -1.59 2.74
N VAL E 50 14.75 -0.42 2.62
CA VAL E 50 14.92 0.66 3.59
C VAL E 50 13.76 0.62 4.57
N GLY E 51 14.04 0.84 5.84
CA GLY E 51 13.02 0.86 6.85
C GLY E 51 13.48 1.57 8.09
N ARG E 52 12.70 1.39 9.17
CA ARG E 52 13.00 1.93 10.48
C ARG E 52 12.80 0.83 11.52
N ASP E 53 13.70 0.76 12.49
CA ASP E 53 13.58 -0.25 13.54
C ASP E 53 12.63 0.25 14.63
N ALA E 54 12.50 -0.55 15.69
CA ALA E 54 11.60 -0.18 16.78
C ALA E 54 12.03 1.10 17.47
N ASP E 55 13.33 1.38 17.49
CA ASP E 55 13.85 2.60 18.10
C ASP E 55 13.77 3.82 17.18
N GLY E 56 13.19 3.67 15.99
CA GLY E 56 13.12 4.75 15.04
C GLY E 56 14.37 4.96 14.20
N ASN E 57 15.39 4.11 14.35
CA ASN E 57 16.61 4.28 13.60
C ASN E 57 16.45 3.77 12.17
N VAL E 58 17.20 4.39 11.25
CA VAL E 58 17.21 3.95 9.86
C VAL E 58 17.77 2.54 9.76
N THR E 59 17.12 1.71 8.96
CA THR E 59 17.61 0.36 8.65
C THR E 59 17.71 0.19 7.15
N VAL E 60 18.72 -0.56 6.70
CA VAL E 60 18.87 -0.95 5.31
C VAL E 60 19.12 -2.45 5.31
N ASP E 61 18.18 -3.21 4.72
CA ASP E 61 18.23 -4.67 4.75
C ASP E 61 18.42 -5.20 6.18
N GLY E 62 17.67 -4.64 7.12
CA GLY E 62 17.65 -5.14 8.49
C GLY E 62 18.78 -4.66 9.37
N ARG E 63 19.77 -3.95 8.82
CA ARG E 63 20.88 -3.44 9.62
C ARG E 63 20.59 -2.01 10.06
N SER E 64 20.70 -1.76 11.36
CA SER E 64 20.41 -0.44 11.91
C SER E 64 21.57 0.50 11.68
N TYR E 65 21.25 1.77 11.44
CA TYR E 65 22.23 2.83 11.23
C TYR E 65 21.86 4.00 12.14
N PRO E 66 22.27 3.94 13.41
CA PRO E 66 21.87 5.00 14.35
C PRO E 66 22.41 6.38 13.99
N MET E 67 23.50 6.46 13.23
CA MET E 67 24.05 7.76 12.86
C MET E 67 23.25 8.44 11.76
N ALA E 68 22.34 7.74 11.10
CA ALA E 68 21.71 8.22 9.89
C ALA E 68 20.38 8.90 10.18
N GLU E 69 20.19 10.08 9.59
CA GLU E 69 18.90 10.74 9.64
C GLU E 69 17.94 10.13 8.62
N SER E 70 18.43 9.86 7.41
CA SER E 70 17.65 9.24 6.35
C SER E 70 18.62 8.71 5.31
N VAL E 71 18.07 7.93 4.37
CA VAL E 71 18.87 7.33 3.30
C VAL E 71 18.83 8.26 2.09
N VAL E 72 20.01 8.62 1.58
CA VAL E 72 20.10 9.35 0.33
C VAL E 72 19.94 8.41 -0.86
N ALA E 73 20.77 7.37 -0.92
CA ALA E 73 20.69 6.38 -1.97
C ALA E 73 21.31 5.07 -1.47
N THR E 74 20.61 3.97 -1.69
CA THR E 74 21.12 2.65 -1.33
C THR E 74 22.16 2.18 -2.35
N GLU E 75 22.85 1.09 -2.01
CA GLU E 75 23.91 0.57 -2.85
C GLU E 75 23.40 0.22 -4.25
N SER E 76 22.25 -0.43 -4.34
CA SER E 76 21.72 -0.80 -5.65
C SER E 76 21.36 0.42 -6.48
N THR E 77 20.94 1.51 -5.83
CA THR E 77 20.67 2.74 -6.58
C THR E 77 21.98 3.40 -7.00
N ILE E 78 22.97 3.42 -6.11
CA ILE E 78 24.26 4.02 -6.43
C ILE E 78 24.90 3.30 -7.62
N HIS E 79 24.89 1.96 -7.59
CA HIS E 79 25.57 1.21 -8.63
C HIS E 79 24.82 1.26 -9.95
N ARG E 80 23.49 1.35 -9.91
CA ARG E 80 22.74 1.61 -11.14
C ARG E 80 23.13 2.94 -11.74
N SER E 81 23.27 3.97 -10.91
CA SER E 81 23.72 5.27 -11.40
C SER E 81 25.13 5.20 -11.97
N MET E 82 25.99 4.40 -11.33
CA MET E 82 27.37 4.30 -11.78
C MET E 82 27.49 3.46 -13.06
N LYS E 83 26.66 2.43 -13.20
CA LYS E 83 26.62 1.69 -14.46
C LYS E 83 26.21 2.60 -15.61
N GLU E 84 25.17 3.40 -15.40
CA GLU E 84 24.74 4.34 -16.44
C GLU E 84 25.79 5.42 -16.69
N MET E 85 26.51 5.84 -15.65
CA MET E 85 27.55 6.83 -15.86
C MET E 85 28.72 6.24 -16.64
N ALA E 86 29.03 4.96 -16.41
CA ALA E 86 30.12 4.33 -17.15
C ALA E 86 29.81 4.25 -18.64
N GLN E 87 28.57 3.92 -18.99
CA GLN E 87 28.17 3.93 -20.39
C GLN E 87 28.24 5.34 -20.96
N THR E 88 27.84 6.34 -20.18
CA THR E 88 27.95 7.72 -20.63
C THR E 88 29.40 8.13 -20.84
N LEU E 89 30.27 7.75 -19.91
CA LEU E 89 31.70 8.03 -20.06
C LEU E 89 32.24 7.35 -21.32
N ALA E 90 31.88 6.08 -21.53
CA ALA E 90 32.35 5.37 -22.71
C ALA E 90 31.88 6.05 -24.00
N ASN E 91 30.59 6.40 -24.06
CA ASN E 91 30.06 7.04 -25.25
C ASN E 91 30.76 8.35 -25.55
N ALA E 92 31.12 9.10 -24.50
CA ALA E 92 31.74 10.41 -24.68
C ALA E 92 33.21 10.32 -25.05
N TYR E 93 33.88 9.21 -24.76
CA TYR E 93 35.33 9.12 -24.90
C TYR E 93 35.82 8.10 -25.92
N LYS E 94 35.03 7.08 -26.25
CA LYS E 94 35.57 5.95 -27.02
C LYS E 94 36.02 6.37 -28.41
N THR E 95 35.36 7.37 -29.01
CA THR E 95 35.71 7.81 -30.36
C THR E 95 36.67 9.00 -30.37
N LEU E 96 37.11 9.47 -29.19
CA LEU E 96 38.00 10.62 -29.14
C LEU E 96 39.41 10.23 -29.53
N LYS E 97 40.21 11.24 -29.89
CA LYS E 97 41.60 11.05 -30.25
C LYS E 97 42.46 12.06 -29.51
N HIS E 98 43.66 11.62 -29.12
CA HIS E 98 44.59 12.50 -28.40
C HIS E 98 46.01 12.09 -28.79
N ARG E 99 46.99 12.65 -28.08
CA ARG E 99 48.38 12.50 -28.48
C ARG E 99 48.88 11.08 -28.26
N ASP E 100 49.60 10.56 -29.25
CA ASP E 100 50.16 9.22 -29.19
C ASP E 100 51.53 9.30 -28.52
N THR E 101 51.61 8.81 -27.28
CA THR E 101 52.90 8.63 -26.61
C THR E 101 53.40 7.20 -26.66
N HIS E 102 52.58 6.26 -27.14
CA HIS E 102 53.04 4.89 -27.33
C HIS E 102 54.07 4.81 -28.44
N ASN E 103 53.77 5.38 -29.60
CA ASN E 103 54.72 5.55 -30.70
C ASN E 103 54.96 7.05 -30.84
N LYS E 104 55.94 7.56 -30.11
CA LYS E 104 56.18 9.01 -30.08
C LYS E 104 56.66 9.56 -31.41
N GLY E 105 57.06 8.70 -32.36
CA GLY E 105 57.33 9.14 -33.71
C GLY E 105 56.11 9.41 -34.55
N ASN E 106 54.92 9.12 -34.03
CA ASN E 106 53.68 9.35 -34.76
C ASN E 106 53.26 10.80 -34.59
N SER E 107 52.93 11.45 -35.71
CA SER E 107 52.50 12.85 -35.68
C SER E 107 51.00 12.97 -35.46
N ALA E 108 50.21 12.12 -36.10
CA ALA E 108 48.76 12.21 -36.01
C ALA E 108 48.26 11.80 -34.63
N LEU E 109 47.04 12.22 -34.32
CA LEU E 109 46.42 11.83 -33.06
C LEU E 109 45.99 10.37 -33.11
N ALA E 110 45.98 9.74 -31.94
CA ALA E 110 45.68 8.31 -31.85
C ALA E 110 44.37 8.08 -31.09
N PRO E 111 43.65 7.00 -31.39
CA PRO E 111 42.44 6.68 -30.62
C PRO E 111 42.79 6.26 -29.19
N ILE E 112 41.77 6.26 -28.35
CA ILE E 112 41.93 5.85 -26.96
C ILE E 112 42.05 4.32 -26.93
N THR E 113 43.23 3.82 -26.56
CA THR E 113 43.59 2.42 -26.66
C THR E 113 44.28 1.99 -25.37
N ASP E 114 44.62 0.71 -25.28
CA ASP E 114 45.61 0.30 -24.28
C ASP E 114 46.96 0.97 -24.55
N GLU E 115 47.23 1.31 -25.82
CA GLU E 115 48.44 2.04 -26.16
C GLU E 115 48.40 3.46 -25.61
N ASN E 116 47.25 4.13 -25.73
CA ASN E 116 47.08 5.50 -25.23
C ASN E 116 45.73 5.61 -24.54
N PRO E 117 45.63 5.16 -23.30
CA PRO E 117 44.33 5.12 -22.61
C PRO E 117 43.92 6.47 -22.06
N LEU E 118 42.67 6.54 -21.64
CA LEU E 118 42.18 7.70 -20.93
C LEU E 118 42.90 7.83 -19.60
N ILE E 119 43.33 9.05 -19.27
CA ILE E 119 44.01 9.31 -18.01
C ILE E 119 42.96 9.70 -16.97
N ILE E 120 42.89 8.95 -15.88
CA ILE E 120 41.95 9.21 -14.79
C ILE E 120 42.74 9.68 -13.57
N ILE E 121 42.37 10.83 -13.05
CA ILE E 121 42.94 11.38 -11.82
C ILE E 121 41.91 11.19 -10.72
N SER E 122 42.22 10.32 -9.76
CA SER E 122 41.34 10.04 -8.63
C SER E 122 41.81 10.85 -7.42
N VAL E 123 40.87 11.52 -6.76
CA VAL E 123 41.19 12.43 -5.66
C VAL E 123 41.07 11.67 -4.34
N LEU E 124 42.21 11.44 -3.69
CA LEU E 124 42.24 10.79 -2.39
C LEU E 124 41.93 11.79 -1.28
N LYS E 125 41.27 11.32 -0.22
CA LYS E 125 40.95 9.91 -0.02
C LYS E 125 39.52 9.54 -0.43
N GLY E 126 38.65 10.55 -0.51
CA GLY E 126 37.22 10.30 -0.62
C GLY E 126 36.79 9.53 -1.85
N SER E 127 37.58 9.52 -2.90
CA SER E 127 37.14 8.99 -4.19
C SER E 127 37.61 7.56 -4.45
N TYR E 128 38.38 6.95 -3.55
CA TYR E 128 39.05 5.70 -3.90
C TYR E 128 38.08 4.54 -4.04
N ILE E 129 36.98 4.53 -3.26
CA ILE E 129 35.99 3.48 -3.44
C ILE E 129 35.17 3.73 -4.71
N PHE E 130 34.74 4.99 -4.90
CA PHE E 130 34.07 5.37 -6.12
C PHE E 130 34.91 5.05 -7.35
N THR E 131 36.20 5.37 -7.30
CA THR E 131 37.07 5.09 -8.44
C THR E 131 37.19 3.59 -8.67
N ALA E 132 37.41 2.80 -7.61
CA ALA E 132 37.56 1.36 -7.76
C ALA E 132 36.35 0.74 -8.45
N ASP E 133 35.15 1.22 -8.15
CA ASP E 133 33.97 0.68 -8.80
C ASP E 133 33.82 1.22 -10.22
N MET E 134 34.08 2.51 -10.41
CA MET E 134 33.86 3.14 -11.71
C MET E 134 34.78 2.55 -12.78
N VAL E 135 36.07 2.36 -12.45
CA VAL E 135 36.99 1.88 -13.47
C VAL E 135 36.67 0.45 -13.86
N ARG E 136 36.07 -0.33 -12.95
CA ARG E 136 35.66 -1.68 -13.32
C ARG E 136 34.43 -1.66 -14.22
N TYR E 137 33.52 -0.71 -13.99
CA TYR E 137 32.39 -0.53 -14.90
C TYR E 137 32.85 0.00 -16.25
N LEU E 138 33.90 0.82 -16.26
CA LEU E 138 34.46 1.29 -17.53
C LEU E 138 35.06 0.15 -18.33
N GLY E 139 35.70 -0.81 -17.65
CA GLY E 139 36.17 -2.00 -18.33
C GLY E 139 35.04 -2.79 -18.95
N ASP E 140 33.91 -2.91 -18.25
CA ASP E 140 32.73 -3.56 -18.80
C ASP E 140 32.31 -2.91 -20.11
N GLY E 142 34.38 -1.41 -22.03
CA GLY E 142 35.52 -1.51 -22.93
C GLY E 142 36.27 -0.21 -23.20
N LEU E 143 36.30 0.68 -22.22
CA LEU E 143 37.03 1.93 -22.34
C LEU E 143 38.38 1.79 -21.66
N PRO E 144 39.48 1.70 -22.41
CA PRO E 144 40.79 1.61 -21.77
C PRO E 144 41.10 2.86 -20.96
N ASN E 145 41.68 2.65 -19.78
CA ASN E 145 41.97 3.74 -18.87
C ASN E 145 43.05 3.30 -17.89
N VAL E 146 43.75 4.28 -17.34
CA VAL E 146 44.71 4.08 -16.26
C VAL E 146 44.48 5.16 -15.22
N VAL E 147 44.78 4.84 -13.96
CA VAL E 147 44.46 5.70 -12.83
C VAL E 147 45.73 6.10 -12.10
N ASP E 148 45.82 7.38 -11.74
CA ASP E 148 46.79 7.87 -10.76
C ASP E 148 46.03 8.72 -9.75
N PHE E 149 46.68 8.98 -8.62
CA PHE E 149 46.00 9.59 -7.48
C PHE E 149 46.63 10.93 -7.13
N ILE E 150 45.81 11.82 -6.58
CA ILE E 150 46.26 13.08 -6.00
C ILE E 150 45.53 13.27 -4.68
N ARG E 151 46.21 13.83 -3.69
CA ARG E 151 45.64 14.04 -2.37
C ARG E 151 45.55 15.54 -2.08
N ILE E 152 44.42 15.97 -1.54
CA ILE E 152 44.13 17.38 -1.32
C ILE E 152 43.66 17.57 0.12
N THR E 153 44.06 18.69 0.73
CA THR E 153 43.55 19.06 2.04
C THR E 153 42.22 19.80 1.91
N GLN E 166 45.84 23.23 -1.88
CA GLN E 166 46.22 22.43 -0.73
C GLN E 166 46.47 20.98 -1.13
N VAL E 167 47.44 20.77 -2.03
CA VAL E 167 47.77 19.45 -2.51
C VAL E 167 48.75 18.78 -1.55
N LEU E 168 48.41 17.58 -1.11
CA LEU E 168 49.25 16.82 -0.20
C LEU E 168 50.26 15.97 -0.98
N ASP E 169 49.75 15.08 -1.83
CA ASP E 169 50.57 14.20 -2.65
C ASP E 169 50.24 14.45 -4.11
N ASN E 170 51.25 14.75 -4.91
CA ASN E 170 51.06 15.07 -6.31
C ASN E 170 51.02 13.81 -7.16
N LEU E 171 50.63 13.98 -8.42
CA LEU E 171 50.62 12.88 -9.36
C LEU E 171 52.03 12.34 -9.60
N ARG E 172 52.11 11.07 -9.98
CA ARG E 172 53.36 10.51 -10.48
C ARG E 172 53.39 10.39 -12.00
N PHE E 173 52.22 10.40 -12.66
CA PHE E 173 52.20 10.56 -14.10
C PHE E 173 52.72 11.94 -14.48
N THR E 174 53.55 11.99 -15.52
CA THR E 174 54.11 13.25 -15.98
C THR E 174 53.75 13.59 -17.42
N GLU E 175 53.24 12.65 -18.20
CA GLU E 175 53.05 12.87 -19.63
C GLU E 175 51.58 13.04 -19.98
N LEU E 176 50.95 14.08 -19.44
CA LEU E 176 49.53 14.34 -19.65
C LEU E 176 49.26 15.36 -20.74
N THR E 177 50.30 15.98 -21.30
CA THR E 177 50.10 17.01 -22.32
C THR E 177 49.43 16.42 -23.56
N GLY E 178 48.35 17.08 -23.98
CA GLY E 178 47.60 16.61 -25.14
C GLY E 178 46.83 15.33 -24.93
N LYS E 179 46.65 14.89 -23.70
CA LYS E 179 45.88 13.70 -23.38
C LYS E 179 44.47 14.07 -22.93
N HIS E 180 43.55 13.13 -23.12
CA HIS E 180 42.22 13.25 -22.52
C HIS E 180 42.31 12.79 -21.07
N VAL E 181 42.02 13.70 -20.14
CA VAL E 181 42.14 13.43 -18.72
C VAL E 181 40.77 13.61 -18.07
N LEU E 182 40.40 12.66 -17.22
CA LEU E 182 39.14 12.69 -16.49
C LEU E 182 39.42 12.63 -14.99
N ILE E 183 38.89 13.60 -14.27
CA ILE E 183 39.05 13.65 -12.82
C ILE E 183 37.87 12.93 -12.16
N MET E 184 38.17 12.03 -11.22
N MET E 184 38.18 12.05 -11.21
CA MET E 184 37.14 11.33 -10.46
CA MET E 184 37.18 11.32 -10.43
C MET E 184 37.18 11.85 -9.02
C MET E 184 37.19 11.88 -9.02
N GLU E 185 36.10 12.54 -8.63
CA GLU E 185 36.00 13.18 -7.33
C GLU E 185 34.71 12.74 -6.65
N ASP E 186 34.75 12.70 -5.31
CA ASP E 186 33.62 12.18 -4.54
C ASP E 186 32.42 13.12 -4.59
N ILE E 187 32.64 14.41 -4.32
CA ILE E 187 31.53 15.33 -4.16
C ILE E 187 31.94 16.72 -4.64
N ALA E 188 30.96 17.49 -5.12
CA ALA E 188 31.11 18.90 -5.41
C ALA E 188 30.08 19.66 -4.59
N ASP E 189 30.56 20.53 -3.68
CA ASP E 189 29.67 21.27 -2.81
C ASP E 189 29.85 22.75 -3.12
N THR E 190 30.81 23.45 -2.51
CA THR E 190 31.03 24.84 -2.86
C THR E 190 31.63 25.00 -4.25
N GLY E 191 32.21 23.94 -4.79
CA GLY E 191 32.90 24.00 -6.06
C GLY E 191 34.33 24.46 -5.98
N ARG E 192 34.81 24.86 -4.81
CA ARG E 192 36.14 25.44 -4.70
C ARG E 192 37.23 24.41 -4.97
N THR E 193 37.14 23.24 -4.33
CA THR E 193 38.15 22.20 -4.51
C THR E 193 38.37 21.88 -5.98
N MET E 194 37.27 21.65 -6.72
CA MET E 194 37.40 21.29 -8.12
C MET E 194 37.80 22.47 -8.99
N LYS E 195 37.38 23.68 -8.62
CA LYS E 195 37.81 24.86 -9.35
C LYS E 195 39.32 25.01 -9.29
N LEU E 196 39.90 24.87 -8.10
CA LEU E 196 41.35 24.99 -7.98
C LEU E 196 42.06 23.79 -8.60
N LEU E 197 41.46 22.60 -8.53
CA LEU E 197 42.12 21.42 -9.07
C LEU E 197 42.10 21.41 -10.59
N VAL E 198 40.98 21.80 -11.21
CA VAL E 198 40.90 21.86 -12.66
C VAL E 198 41.88 22.89 -13.21
N GLU E 199 41.94 24.07 -12.57
CA GLU E 199 42.88 25.09 -13.02
C GLU E 199 44.32 24.62 -12.86
N LYS E 200 44.63 23.97 -11.74
CA LYS E 200 45.99 23.48 -11.51
C LYS E 200 46.41 22.48 -12.58
N ILE E 201 45.56 21.50 -12.85
CA ILE E 201 45.91 20.46 -13.82
C ILE E 201 46.04 21.04 -15.21
N ARG E 202 45.16 22.00 -15.56
CA ARG E 202 45.23 22.62 -16.88
C ARG E 202 46.55 23.34 -17.10
N ARG E 203 46.96 24.18 -16.14
CA ARG E 203 48.19 24.94 -16.31
C ARG E 203 49.43 24.06 -16.23
N GLU E 204 49.45 23.09 -15.31
CA GLU E 204 50.67 22.34 -15.03
C GLU E 204 50.88 21.15 -15.95
N TYR E 205 49.82 20.64 -16.58
CA TYR E 205 49.93 19.45 -17.41
C TYR E 205 49.46 19.66 -18.85
N ARG E 206 48.63 20.66 -19.12
CA ARG E 206 48.20 21.01 -20.46
C ARG E 206 47.56 19.83 -21.21
N PRO E 207 46.50 19.23 -20.67
CA PRO E 207 45.84 18.13 -21.38
C PRO E 207 45.01 18.64 -22.54
N ALA E 208 44.74 17.73 -23.48
CA ALA E 208 43.87 18.07 -24.60
C ALA E 208 42.46 18.39 -24.11
N SER E 209 41.98 17.65 -23.11
CA SER E 209 40.69 17.93 -22.50
C SER E 209 40.74 17.52 -21.04
N LEU E 210 39.96 18.24 -20.23
CA LEU E 210 39.90 17.97 -18.79
C LEU E 210 38.44 18.06 -18.36
N LYS E 211 37.93 17.00 -17.74
CA LYS E 211 36.55 16.94 -17.31
C LYS E 211 36.46 16.27 -15.94
N VAL E 212 35.34 16.49 -15.27
CA VAL E 212 35.15 16.07 -13.88
C VAL E 212 33.92 15.18 -13.80
N CYS E 213 34.06 14.04 -13.13
CA CYS E 213 32.96 13.12 -12.83
C CYS E 213 32.86 13.00 -11.32
N VAL E 214 31.71 13.40 -10.76
CA VAL E 214 31.49 13.38 -9.32
C VAL E 214 30.45 12.34 -8.98
N LEU E 215 30.63 11.67 -7.84
CA LEU E 215 29.63 10.74 -7.36
C LEU E 215 28.38 11.46 -6.87
N VAL E 216 28.56 12.58 -6.18
CA VAL E 216 27.46 13.37 -5.62
C VAL E 216 27.70 14.84 -5.95
N ASP E 217 26.67 15.51 -6.45
CA ASP E 217 26.72 16.94 -6.73
C ASP E 217 25.68 17.64 -5.85
N LYS E 218 26.13 18.66 -5.12
CA LYS E 218 25.23 19.48 -4.31
C LYS E 218 25.18 20.87 -4.91
N PRO E 219 24.40 21.07 -5.98
CA PRO E 219 24.45 22.37 -6.68
C PRO E 219 23.97 23.53 -5.83
N GLY E 220 23.18 23.29 -4.79
CA GLY E 220 22.72 24.37 -3.93
C GLY E 220 23.79 24.95 -3.01
N GLY E 221 24.93 24.29 -2.88
CA GLY E 221 26.02 24.78 -2.07
C GLY E 221 27.08 25.57 -2.79
N ARG E 222 26.87 25.90 -4.06
CA ARG E 222 27.90 26.54 -4.87
C ARG E 222 28.25 27.93 -4.35
N VAL E 223 29.55 28.20 -4.23
CA VAL E 223 30.06 29.52 -3.92
C VAL E 223 30.78 30.13 -5.12
N VAL E 224 31.46 29.31 -5.91
CA VAL E 224 32.09 29.73 -7.15
C VAL E 224 31.43 28.97 -8.30
N ASP E 225 31.73 29.40 -9.52
CA ASP E 225 31.13 28.83 -10.73
C ASP E 225 31.91 27.59 -11.13
N PHE E 226 31.37 26.42 -10.80
CA PHE E 226 31.91 25.15 -11.27
C PHE E 226 30.76 24.18 -11.51
N LYS E 227 30.80 23.51 -12.66
CA LYS E 227 29.78 22.53 -13.02
C LYS E 227 30.46 21.28 -13.54
N PRO E 228 30.49 20.20 -12.78
CA PRO E 228 31.08 18.95 -13.29
C PRO E 228 30.26 18.41 -14.44
N GLU E 229 30.96 17.99 -15.50
CA GLU E 229 30.28 17.54 -16.71
C GLU E 229 29.51 16.25 -16.46
N PHE E 230 30.00 15.39 -15.57
CA PHE E 230 29.39 14.09 -15.30
C PHE E 230 29.02 14.02 -13.83
N VAL E 231 27.75 13.76 -13.55
CA VAL E 231 27.22 13.71 -12.19
C VAL E 231 26.42 12.43 -12.03
N CYS E 232 26.74 11.65 -10.99
CA CYS E 232 25.99 10.44 -10.71
C CYS E 232 24.74 10.75 -9.89
N LEU E 233 24.91 11.31 -8.70
CA LEU E 233 23.81 11.65 -7.80
C LEU E 233 23.79 13.15 -7.52
N THR E 234 22.58 13.68 -7.32
CA THR E 234 22.38 15.06 -6.92
C THR E 234 21.68 15.09 -5.57
N ALA E 235 22.22 15.83 -4.63
CA ALA E 235 21.80 15.79 -3.23
C ALA E 235 21.55 17.19 -2.72
N PRO E 236 20.72 17.33 -1.68
CA PRO E 236 20.54 18.65 -1.05
C PRO E 236 21.76 19.04 -0.25
N THR E 237 21.73 20.28 0.25
CA THR E 237 22.83 20.82 1.05
C THR E 237 22.75 20.27 2.48
N ARG E 238 23.01 18.96 2.59
CA ARG E 238 23.08 18.29 3.87
C ARG E 238 24.35 17.44 3.90
N TYR E 239 24.91 17.29 5.10
CA TYR E 239 26.12 16.49 5.26
C TYR E 239 25.76 15.01 5.16
N VAL E 240 26.41 14.31 4.22
CA VAL E 240 26.14 12.90 3.98
C VAL E 240 27.34 12.06 4.42
N VAL E 241 27.07 10.81 4.78
CA VAL E 241 28.10 9.85 5.12
C VAL E 241 27.79 8.53 4.43
N GLY E 242 28.81 7.69 4.35
CA GLY E 242 28.67 6.40 3.72
C GLY E 242 29.20 6.39 2.31
N TYR E 243 29.68 5.23 1.88
CA TYR E 243 30.21 5.00 0.53
C TYR E 243 31.18 6.10 0.12
N GLY E 244 32.28 6.21 0.86
CA GLY E 244 33.32 7.19 0.59
C GLY E 244 33.26 8.43 1.45
N PHE E 245 32.10 8.77 1.99
CA PHE E 245 31.93 9.94 2.84
C PHE E 245 31.96 9.53 4.30
N GLU E 246 32.41 10.44 5.15
CA GLU E 246 32.78 10.07 6.51
C GLU E 246 32.73 11.27 7.44
N VAL E 247 32.82 10.99 8.73
CA VAL E 247 33.19 11.96 9.76
C VAL E 247 34.36 11.37 10.53
N ASN E 248 35.52 12.04 10.46
CA ASN E 248 36.77 11.52 11.01
C ASN E 248 37.02 10.09 10.56
N ASP E 249 36.77 9.83 9.27
CA ASP E 249 37.01 8.56 8.58
C ASP E 249 36.00 7.48 8.97
N ARG E 250 35.12 7.75 9.94
CA ARG E 250 34.10 6.78 10.29
C ARG E 250 33.01 6.73 9.22
N TYR E 251 32.48 5.53 8.97
CA TYR E 251 31.37 5.23 8.06
C TYR E 251 31.77 5.24 6.60
N ARG E 252 33.06 5.34 6.28
CA ARG E 252 33.47 5.43 4.88
C ARG E 252 33.21 4.13 4.12
N ASN E 253 33.26 2.99 4.81
CA ASN E 253 33.08 1.69 4.19
C ASN E 253 31.62 1.25 4.09
N TYR E 254 30.67 2.08 4.51
CA TYR E 254 29.26 1.70 4.39
C TYR E 254 28.84 1.70 2.91
N ARG E 255 27.94 0.79 2.56
CA ARG E 255 27.54 0.62 1.17
C ARG E 255 26.44 1.57 0.72
N HIS E 256 25.91 2.40 1.62
CA HIS E 256 24.84 3.33 1.28
C HIS E 256 25.20 4.74 1.72
N VAL E 257 24.53 5.72 1.11
CA VAL E 257 24.73 7.13 1.44
C VAL E 257 23.57 7.58 2.32
N PHE E 258 23.90 8.09 3.50
CA PHE E 258 22.91 8.56 4.47
C PHE E 258 23.12 10.04 4.75
N VAL E 259 22.03 10.73 5.08
CA VAL E 259 22.13 12.05 5.68
C VAL E 259 22.50 11.86 7.15
N LEU E 260 23.61 12.48 7.56
CA LEU E 260 24.08 12.32 8.93
C LEU E 260 23.24 13.12 9.90
N LYS E 261 22.99 12.55 11.06
CA LYS E 261 22.37 13.30 12.14
C LYS E 261 23.33 14.42 12.57
N PRO E 262 22.84 15.65 12.72
CA PRO E 262 23.73 16.73 13.19
C PRO E 262 24.37 16.43 14.53
N GLU E 263 23.71 15.64 15.39
CA GLU E 263 24.28 15.29 16.69
C GLU E 263 25.52 14.42 16.57
N TYR E 264 25.70 13.75 15.43
CA TYR E 264 26.87 12.89 15.21
C TYR E 264 28.01 13.61 14.50
N ALA E 265 27.88 14.91 14.26
CA ALA E 265 28.87 15.63 13.46
C ALA E 265 30.24 15.63 14.15
N LYS E 266 30.28 15.92 15.44
CA LYS E 266 31.52 15.99 16.19
C LYS E 266 31.71 14.79 17.11
N ARG E 267 31.11 13.65 16.75
CA ARG E 267 31.14 12.50 17.64
C ARG E 267 32.55 11.95 17.83
N TYR E 268 33.42 12.09 16.82
CA TYR E 268 34.77 11.52 16.87
C TYR E 268 35.80 12.62 16.64
N PRO E 269 36.11 13.39 17.68
CA PRO E 269 36.99 14.56 17.50
C PRO E 269 38.47 14.22 17.65
N SER E 270 38.78 13.08 18.27
CA SER E 270 40.16 12.72 18.52
C SER E 270 40.93 12.53 17.22
N LYS E 271 42.09 13.17 17.13
CA LYS E 271 42.94 13.06 15.95
C LYS E 271 43.40 11.62 15.76
N LEU E 272 43.35 11.16 14.51
CA LEU E 272 43.86 9.84 14.17
C LEU E 272 45.35 9.90 13.82
N LYS F 46 26.75 -15.73 -9.16
CA LYS F 46 26.89 -16.54 -10.36
C LYS F 46 28.36 -16.70 -10.75
N PRO F 47 28.79 -17.93 -10.99
CA PRO F 47 30.19 -18.16 -11.36
C PRO F 47 30.48 -17.66 -12.77
N ASN F 48 31.74 -17.30 -12.99
CA ASN F 48 32.17 -16.80 -14.29
C ASN F 48 32.56 -17.96 -15.20
N PHE F 49 32.18 -17.86 -16.46
CA PHE F 49 32.46 -18.90 -17.45
C PHE F 49 33.81 -18.62 -18.11
N VAL F 50 34.74 -19.56 -17.99
CA VAL F 50 36.06 -19.46 -18.59
C VAL F 50 36.12 -20.34 -19.81
N GLY F 51 36.63 -19.80 -20.92
CA GLY F 51 36.73 -20.55 -22.15
C GLY F 51 37.85 -20.06 -23.04
N ARG F 52 37.79 -20.40 -24.32
CA ARG F 52 38.76 -19.96 -25.31
C ARG F 52 38.02 -19.63 -26.60
N ASP F 53 38.32 -18.47 -27.19
CA ASP F 53 37.66 -18.06 -28.42
C ASP F 53 38.27 -18.83 -29.60
N ALA F 54 37.89 -18.44 -30.82
CA ALA F 54 38.38 -19.14 -32.00
C ALA F 54 39.86 -18.89 -32.22
N ASP F 55 40.38 -17.76 -31.75
CA ASP F 55 41.80 -17.45 -31.89
C ASP F 55 42.67 -18.10 -30.83
N GLY F 56 42.07 -18.84 -29.89
CA GLY F 56 42.81 -19.44 -28.81
C GLY F 56 42.99 -18.57 -27.58
N ASN F 57 42.46 -17.35 -27.60
CA ASN F 57 42.61 -16.44 -26.48
C ASN F 57 41.69 -16.81 -25.33
N VAL F 58 42.13 -16.50 -24.12
CA VAL F 58 41.31 -16.73 -22.93
C VAL F 58 40.06 -15.86 -23.00
N THR F 59 38.90 -16.46 -22.71
CA THR F 59 37.67 -15.72 -22.57
C THR F 59 37.08 -15.95 -21.19
N VAL F 60 36.49 -14.89 -20.62
CA VAL F 60 35.76 -14.97 -19.37
C VAL F 60 34.39 -14.34 -19.62
N ASP F 61 33.34 -15.16 -19.53
CA ASP F 61 31.97 -14.73 -19.81
C ASP F 61 31.87 -14.07 -21.19
N GLY F 62 32.45 -14.73 -22.18
CA GLY F 62 32.38 -14.27 -23.56
C GLY F 62 33.32 -13.15 -23.92
N ARG F 63 33.99 -12.53 -22.96
CA ARG F 63 34.91 -11.42 -23.22
C ARG F 63 36.33 -11.96 -23.42
N SER F 64 36.94 -11.62 -24.55
CA SER F 64 38.29 -12.07 -24.84
C SER F 64 39.31 -11.26 -24.05
N TYR F 65 40.42 -11.91 -23.69
CA TYR F 65 41.55 -11.28 -23.01
C TYR F 65 42.82 -11.73 -23.70
N PRO F 66 43.20 -11.07 -24.80
CA PRO F 66 44.36 -11.54 -25.58
C PRO F 66 45.68 -11.51 -24.81
N MET F 67 45.78 -10.70 -23.76
CA MET F 67 47.01 -10.63 -22.98
C MET F 67 47.14 -11.77 -21.98
N ALA F 68 46.08 -12.55 -21.76
CA ALA F 68 46.08 -13.57 -20.71
C ALA F 68 46.57 -14.91 -21.26
N GLU F 69 47.52 -15.51 -20.54
CA GLU F 69 47.91 -16.88 -20.85
C GLU F 69 46.95 -17.88 -20.21
N SER F 70 46.48 -17.57 -19.00
CA SER F 70 45.52 -18.42 -18.30
C SER F 70 44.85 -17.60 -17.21
N VAL F 71 43.80 -18.16 -16.62
CA VAL F 71 43.05 -17.51 -15.55
C VAL F 71 43.56 -18.02 -14.21
N VAL F 72 43.95 -17.11 -13.33
CA VAL F 72 44.33 -17.49 -11.98
C VAL F 72 43.09 -17.66 -11.11
N ALA F 73 42.20 -16.67 -11.14
CA ALA F 73 40.97 -16.70 -10.36
C ALA F 73 39.99 -15.72 -10.98
N THR F 74 38.75 -16.17 -11.16
CA THR F 74 37.70 -15.29 -11.66
C THR F 74 37.19 -14.39 -10.55
N GLU F 75 36.38 -13.40 -10.94
CA GLU F 75 35.82 -12.46 -9.97
C GLU F 75 35.01 -13.18 -8.90
N SER F 76 34.19 -14.15 -9.28
CA SER F 76 33.38 -14.86 -8.30
C SER F 76 34.26 -15.62 -7.30
N THR F 77 35.36 -16.21 -7.78
CA THR F 77 36.28 -16.89 -6.88
C THR F 77 37.02 -15.90 -6.00
N ILE F 78 37.42 -14.75 -6.55
CA ILE F 78 38.14 -13.74 -5.76
C ILE F 78 37.26 -13.24 -4.63
N HIS F 79 36.04 -12.81 -4.96
CA HIS F 79 35.18 -12.22 -3.93
C HIS F 79 34.72 -13.23 -2.90
N ARG F 80 34.64 -14.52 -3.28
CA ARG F 80 34.31 -15.53 -2.29
C ARG F 80 35.42 -15.66 -1.25
N SER F 81 36.68 -15.64 -1.68
CA SER F 81 37.78 -15.70 -0.72
C SER F 81 37.87 -14.43 0.10
N MET F 82 37.54 -13.28 -0.51
CA MET F 82 37.58 -12.02 0.24
C MET F 82 36.47 -11.97 1.29
N LYS F 83 35.27 -12.47 0.95
CA LYS F 83 34.21 -12.55 1.95
C LYS F 83 34.61 -13.46 3.10
N GLU F 84 35.19 -14.62 2.78
CA GLU F 84 35.64 -15.53 3.83
C GLU F 84 36.80 -14.93 4.63
N MET F 85 37.67 -14.17 3.96
CA MET F 85 38.77 -13.53 4.68
C MET F 85 38.25 -12.42 5.60
N ALA F 86 37.20 -11.70 5.18
CA ALA F 86 36.63 -10.67 6.03
C ALA F 86 36.06 -11.26 7.30
N GLN F 87 35.40 -12.43 7.20
CA GLN F 87 34.95 -13.12 8.39
C GLN F 87 36.15 -13.53 9.26
N THR F 88 37.21 -14.04 8.63
CA THR F 88 38.42 -14.38 9.37
C THR F 88 39.00 -13.14 10.06
N LEU F 89 39.03 -12.02 9.35
CA LEU F 89 39.58 -10.79 9.94
C LEU F 89 38.71 -10.30 11.09
N ALA F 90 37.39 -10.36 10.92
CA ALA F 90 36.50 -9.95 12.01
C ALA F 90 36.68 -10.86 13.23
N ASN F 91 36.81 -12.17 13.00
CA ASN F 91 36.99 -13.09 14.13
C ASN F 91 38.30 -12.82 14.87
N ALA F 92 39.34 -12.38 14.17
CA ALA F 92 40.63 -12.19 14.81
C ALA F 92 40.74 -10.85 15.53
N TYR F 93 39.85 -9.89 15.24
CA TYR F 93 39.95 -8.57 15.81
C TYR F 93 38.75 -8.14 16.66
N LYS F 94 37.62 -8.85 16.59
CA LYS F 94 36.41 -8.35 17.22
C LYS F 94 36.53 -8.24 18.73
N THR F 95 37.32 -9.09 19.38
CA THR F 95 37.42 -9.11 20.83
C THR F 95 38.77 -8.60 21.34
N LEU F 96 39.62 -8.04 20.48
CA LEU F 96 40.89 -7.52 20.93
C LEU F 96 40.72 -6.11 21.49
N LYS F 97 41.71 -5.68 22.26
CA LYS F 97 41.70 -4.37 22.90
C LYS F 97 43.03 -3.67 22.65
N HIS F 98 42.97 -2.33 22.56
CA HIS F 98 44.15 -1.52 22.32
C HIS F 98 43.97 -0.16 23.01
N ARG F 99 44.91 0.74 22.77
CA ARG F 99 44.93 2.02 23.48
C ARG F 99 43.72 2.88 23.12
N ASP F 100 43.10 3.47 24.14
CA ASP F 100 41.97 4.36 23.97
C ASP F 100 42.47 5.76 23.66
N THR F 101 42.14 6.25 22.47
CA THR F 101 42.43 7.63 22.11
C THR F 101 41.17 8.48 21.99
N HIS F 102 39.99 7.87 22.00
CA HIS F 102 38.75 8.64 22.02
C HIS F 102 38.52 9.27 23.39
N ASN F 103 38.80 8.53 24.45
CA ASN F 103 38.79 9.06 25.82
C ASN F 103 40.23 9.00 26.31
N LYS F 104 40.99 10.08 26.03
CA LYS F 104 42.42 10.06 26.30
C LYS F 104 42.74 9.88 27.77
N GLY F 105 41.87 10.35 28.66
CA GLY F 105 42.08 10.17 30.08
C GLY F 105 42.08 8.71 30.51
N ASN F 106 41.46 7.84 29.74
CA ASN F 106 41.42 6.42 30.06
C ASN F 106 42.79 5.79 29.77
N SER F 107 43.46 5.33 30.83
CA SER F 107 44.73 4.65 30.71
C SER F 107 44.57 3.14 30.51
N ALA F 108 43.35 2.62 30.58
CA ALA F 108 43.10 1.21 30.35
C ALA F 108 42.86 0.95 28.87
N LEU F 109 42.95 -0.33 28.50
CA LEU F 109 42.73 -0.71 27.12
C LEU F 109 41.24 -0.66 26.78
N ALA F 110 40.95 -0.40 25.50
CA ALA F 110 39.59 -0.25 25.03
C ALA F 110 39.33 -1.20 23.87
N PRO F 111 38.12 -1.72 23.74
CA PRO F 111 37.80 -2.61 22.62
C PRO F 111 37.81 -1.87 21.30
N ILE F 112 37.78 -2.64 20.22
CA ILE F 112 37.72 -2.08 18.88
C ILE F 112 36.29 -1.64 18.62
N THR F 113 36.09 -0.32 18.50
CA THR F 113 34.77 0.29 18.35
C THR F 113 34.86 1.35 17.26
N ASP F 114 33.74 2.03 17.01
CA ASP F 114 33.80 3.25 16.21
C ASP F 114 34.67 4.30 16.90
N GLU F 115 34.70 4.26 18.24
CA GLU F 115 35.53 5.21 18.99
C GLU F 115 37.01 4.92 18.80
N ASN F 116 37.40 3.64 18.79
CA ASN F 116 38.79 3.21 18.62
C ASN F 116 38.84 2.09 17.60
N PRO F 117 38.72 2.41 16.32
CA PRO F 117 38.60 1.38 15.29
C PRO F 117 39.93 0.71 14.97
N LEU F 118 39.83 -0.37 14.21
CA LEU F 118 41.02 -0.97 13.62
C LEU F 118 41.65 0.00 12.63
N ILE F 119 42.97 0.15 12.71
CA ILE F 119 43.70 1.03 11.80
C ILE F 119 44.16 0.20 10.61
N ILE F 120 43.65 0.53 9.42
CA ILE F 120 44.03 -0.14 8.19
C ILE F 120 44.94 0.78 7.39
N ILE F 121 46.09 0.26 6.98
CA ILE F 121 47.04 0.99 6.15
C ILE F 121 47.07 0.30 4.78
N SER F 122 46.54 1.00 3.77
CA SER F 122 46.46 0.47 2.41
C SER F 122 47.64 0.99 1.60
N VAL F 123 48.29 0.10 0.84
CA VAL F 123 49.51 0.42 0.11
C VAL F 123 49.13 0.78 -1.32
N LEU F 124 49.28 2.06 -1.68
CA LEU F 124 49.05 2.50 -3.05
C LEU F 124 50.19 2.04 -3.95
N LYS F 125 49.87 1.81 -5.23
CA LYS F 125 48.53 1.96 -5.77
C LYS F 125 47.81 0.62 -5.90
N GLY F 126 48.59 -0.46 -5.96
CA GLY F 126 48.07 -1.78 -6.28
C GLY F 126 46.98 -2.30 -5.35
N SER F 127 46.79 -1.67 -4.19
CA SER F 127 45.88 -2.22 -3.19
C SER F 127 44.55 -1.48 -3.09
N TYR F 128 44.33 -0.41 -3.87
CA TYR F 128 43.19 0.45 -3.60
C TYR F 128 41.87 -0.20 -3.97
N ILE F 129 41.84 -1.05 -5.01
CA ILE F 129 40.62 -1.78 -5.33
C ILE F 129 40.39 -2.91 -4.33
N PHE F 130 41.45 -3.69 -4.06
CA PHE F 130 41.41 -4.68 -3.01
C PHE F 130 40.92 -4.08 -1.69
N THR F 131 41.42 -2.89 -1.35
CA THR F 131 41.02 -2.25 -0.10
C THR F 131 39.55 -1.81 -0.13
N ALA F 132 39.11 -1.22 -1.24
CA ALA F 132 37.74 -0.73 -1.31
C ALA F 132 36.73 -1.85 -1.14
N ASP F 133 37.02 -3.02 -1.71
CA ASP F 133 36.10 -4.14 -1.58
C ASP F 133 36.17 -4.74 -0.19
N MET F 134 37.38 -4.86 0.37
CA MET F 134 37.56 -5.54 1.63
C MET F 134 36.92 -4.77 2.78
N VAL F 135 37.09 -3.45 2.82
CA VAL F 135 36.55 -2.68 3.96
C VAL F 135 35.04 -2.74 3.97
N ARG F 136 34.41 -2.87 2.80
CA ARG F 136 32.96 -3.03 2.75
C ARG F 136 32.55 -4.40 3.29
N TYR F 137 33.34 -5.44 3.00
CA TYR F 137 33.04 -6.76 3.56
C TYR F 137 33.25 -6.76 5.07
N LEU F 138 34.26 -6.04 5.56
CA LEU F 138 34.44 -5.87 7.00
C LEU F 138 33.26 -5.14 7.63
N GLY F 139 32.65 -4.21 6.88
CA GLY F 139 31.44 -3.56 7.37
C GLY F 139 30.29 -4.54 7.53
N ASP F 140 30.13 -5.45 6.57
CA ASP F 140 29.12 -6.50 6.68
C ASP F 140 29.37 -7.37 7.91
N GLY F 142 30.73 -6.22 10.64
CA GLY F 142 30.66 -5.37 11.81
C GLY F 142 31.99 -5.05 12.50
N LEU F 143 33.07 -5.00 11.72
CA LEU F 143 34.36 -4.65 12.28
C LEU F 143 34.66 -3.18 12.00
N PRO F 144 34.60 -2.29 12.99
CA PRO F 144 34.89 -0.88 12.74
C PRO F 144 36.35 -0.69 12.35
N ASN F 145 36.57 0.10 11.31
CA ASN F 145 37.92 0.31 10.79
C ASN F 145 37.99 1.66 10.08
N VAL F 146 39.19 2.23 10.05
CA VAL F 146 39.49 3.43 9.29
C VAL F 146 40.73 3.16 8.44
N VAL F 147 40.80 3.82 7.29
CA VAL F 147 41.81 3.52 6.28
C VAL F 147 42.65 4.76 6.02
N ASP F 148 43.96 4.59 6.00
CA ASP F 148 44.89 5.58 5.47
C ASP F 148 45.77 4.90 4.42
N PHE F 149 46.49 5.70 3.65
CA PHE F 149 47.22 5.21 2.48
C PHE F 149 48.70 5.55 2.58
N ILE F 150 49.52 4.70 1.93
CA ILE F 150 50.92 4.98 1.68
C ILE F 150 51.24 4.64 0.24
N ARG F 151 52.26 5.30 -0.28
CA ARG F 151 52.83 4.97 -1.59
C ARG F 151 54.32 4.75 -1.40
N ILE F 152 54.83 3.65 -1.92
CA ILE F 152 56.24 3.32 -1.76
C ILE F 152 56.97 3.43 -3.09
N VAL F 167 59.42 4.86 0.91
CA VAL F 167 58.18 5.60 1.10
C VAL F 167 58.19 6.88 0.27
N LEU F 168 57.14 7.07 -0.53
CA LEU F 168 56.96 8.27 -1.33
C LEU F 168 55.95 9.23 -0.71
N ASP F 169 54.80 8.72 -0.30
CA ASP F 169 53.77 9.50 0.39
C ASP F 169 53.49 8.82 1.73
N ASN F 170 53.62 9.58 2.81
CA ASN F 170 53.60 9.01 4.14
C ASN F 170 52.19 9.00 4.73
N LEU F 171 52.05 8.33 5.87
CA LEU F 171 50.83 8.33 6.65
C LEU F 171 50.43 9.75 7.01
N ARG F 172 49.12 9.98 7.09
CA ARG F 172 48.59 11.16 7.75
C ARG F 172 48.10 10.88 9.15
N PHE F 173 47.68 9.64 9.41
CA PHE F 173 47.43 9.22 10.78
C PHE F 173 48.72 9.30 11.57
N THR F 174 48.63 9.83 12.79
CA THR F 174 49.81 9.99 13.63
C THR F 174 49.75 9.20 14.94
N GLU F 175 48.56 8.79 15.39
CA GLU F 175 48.40 8.15 16.69
C GLU F 175 48.18 6.65 16.49
N LEU F 176 49.27 5.96 16.14
CA LEU F 176 49.24 4.52 15.94
C LEU F 176 49.87 3.73 17.09
N THR F 177 50.47 4.42 18.05
CA THR F 177 51.10 3.74 19.19
C THR F 177 50.04 2.99 19.99
N GLY F 178 50.34 1.72 20.31
CA GLY F 178 49.42 0.92 21.09
C GLY F 178 48.12 0.60 20.40
N LYS F 179 48.07 0.71 19.08
CA LYS F 179 46.88 0.40 18.30
C LYS F 179 47.08 -0.91 17.55
N HIS F 180 45.96 -1.56 17.23
CA HIS F 180 45.97 -2.70 16.32
C HIS F 180 45.99 -2.18 14.89
N VAL F 181 47.05 -2.46 14.16
CA VAL F 181 47.24 -1.92 12.82
C VAL F 181 47.26 -3.07 11.83
N LEU F 182 46.49 -2.92 10.75
CA LEU F 182 46.36 -3.92 9.70
C LEU F 182 46.83 -3.31 8.39
N ILE F 183 47.87 -3.89 7.79
CA ILE F 183 48.33 -3.47 6.48
C ILE F 183 47.63 -4.30 5.42
N MET F 184 47.08 -3.64 4.40
N MET F 184 47.08 -3.64 4.41
CA MET F 184 46.40 -4.31 3.31
CA MET F 184 46.39 -4.28 3.30
C MET F 184 47.19 -4.05 2.03
C MET F 184 47.21 -4.05 2.03
N GLU F 185 47.78 -5.12 1.48
CA GLU F 185 48.69 -5.03 0.35
C GLU F 185 48.22 -5.96 -0.76
N ASP F 186 48.58 -5.61 -2.00
CA ASP F 186 48.12 -6.40 -3.15
C ASP F 186 48.77 -7.78 -3.17
N ILE F 187 50.11 -7.85 -3.04
CA ILE F 187 50.82 -9.10 -3.29
C ILE F 187 52.08 -9.14 -2.44
N ALA F 188 52.42 -10.34 -1.98
CA ALA F 188 53.72 -10.63 -1.38
C ALA F 188 54.45 -11.62 -2.28
N ASP F 189 55.64 -11.23 -2.74
CA ASP F 189 56.40 -12.04 -3.68
C ASP F 189 57.77 -12.34 -3.08
N THR F 190 58.73 -11.43 -3.26
CA THR F 190 60.03 -11.58 -2.61
C THR F 190 59.94 -11.42 -1.10
N GLY F 191 58.84 -10.85 -0.60
CA GLY F 191 58.71 -10.53 0.80
C GLY F 191 59.47 -9.30 1.26
N ARG F 192 60.29 -8.71 0.39
CA ARG F 192 61.14 -7.59 0.80
C ARG F 192 60.32 -6.35 1.11
N THR F 193 59.34 -6.02 0.26
CA THR F 193 58.55 -4.81 0.44
C THR F 193 57.85 -4.80 1.80
N MET F 194 57.14 -5.88 2.12
CA MET F 194 56.39 -5.91 3.37
C MET F 194 57.31 -6.07 4.58
N LYS F 195 58.42 -6.79 4.44
CA LYS F 195 59.34 -6.94 5.57
C LYS F 195 59.90 -5.59 6.00
N LEU F 196 60.26 -4.74 5.03
CA LEU F 196 60.79 -3.43 5.37
C LEU F 196 59.68 -2.50 5.87
N LEU F 197 58.50 -2.58 5.26
CA LEU F 197 57.38 -1.74 5.69
C LEU F 197 56.95 -2.09 7.11
N VAL F 198 56.82 -3.38 7.41
CA VAL F 198 56.47 -3.82 8.77
C VAL F 198 57.54 -3.35 9.76
N GLU F 199 58.81 -3.39 9.35
CA GLU F 199 59.87 -2.90 10.21
C GLU F 199 59.77 -1.39 10.42
N LYS F 200 59.45 -0.65 9.36
CA LYS F 200 59.35 0.80 9.47
C LYS F 200 58.18 1.20 10.37
N ILE F 201 57.01 0.60 10.17
CA ILE F 201 55.83 0.95 10.96
C ILE F 201 56.07 0.60 12.43
N ARG F 202 56.66 -0.57 12.69
CA ARG F 202 56.91 -0.98 14.06
C ARG F 202 57.88 -0.04 14.76
N ARG F 203 58.96 0.35 14.07
CA ARG F 203 59.94 1.23 14.70
C ARG F 203 59.43 2.65 14.84
N GLU F 204 58.59 3.10 13.89
CA GLU F 204 58.15 4.49 13.89
C GLU F 204 57.01 4.71 14.88
N TYR F 205 56.09 3.76 15.01
CA TYR F 205 54.88 3.98 15.79
C TYR F 205 54.73 3.06 16.99
N ARG F 206 55.33 1.87 16.97
CA ARG F 206 55.19 0.86 18.02
C ARG F 206 53.73 0.52 18.27
N PRO F 207 53.04 -0.10 17.31
CA PRO F 207 51.64 -0.46 17.54
C PRO F 207 51.51 -1.67 18.46
N ALA F 208 50.28 -1.87 18.96
CA ALA F 208 50.01 -3.04 19.78
C ALA F 208 50.17 -4.32 18.99
N SER F 209 49.68 -4.33 17.75
CA SER F 209 49.88 -5.45 16.85
C SER F 209 49.94 -4.93 15.42
N LEU F 210 50.74 -5.59 14.59
CA LEU F 210 50.91 -5.21 13.20
C LEU F 210 50.90 -6.48 12.36
N LYS F 211 49.85 -6.67 11.57
CA LYS F 211 49.71 -7.84 10.72
C LYS F 211 49.47 -7.39 9.28
N VAL F 212 49.61 -8.34 8.36
CA VAL F 212 49.53 -8.06 6.93
C VAL F 212 48.46 -8.95 6.31
N CYS F 213 47.57 -8.35 5.52
CA CYS F 213 46.60 -9.07 4.71
C CYS F 213 46.91 -8.78 3.25
N VAL F 214 47.21 -9.82 2.48
CA VAL F 214 47.56 -9.67 1.08
C VAL F 214 46.50 -10.37 0.23
N LEU F 215 46.22 -9.79 -0.93
CA LEU F 215 45.29 -10.41 -1.87
C LEU F 215 45.89 -11.67 -2.49
N VAL F 216 47.16 -11.61 -2.89
CA VAL F 216 47.86 -12.72 -3.51
C VAL F 216 49.16 -12.94 -2.78
N ASP F 217 49.44 -14.20 -2.44
CA ASP F 217 50.71 -14.60 -1.84
C ASP F 217 51.43 -15.53 -2.81
N LYS F 218 52.67 -15.19 -3.14
CA LYS F 218 53.51 -16.04 -3.99
C LYS F 218 54.69 -16.54 -3.16
N PRO F 219 54.48 -17.54 -2.30
CA PRO F 219 55.56 -17.95 -1.38
C PRO F 219 56.78 -18.51 -2.07
N GLY F 220 56.68 -18.93 -3.32
CA GLY F 220 57.83 -19.52 -4.00
C GLY F 220 58.89 -18.52 -4.40
N GLY F 221 58.56 -17.23 -4.39
CA GLY F 221 59.48 -16.18 -4.77
C GLY F 221 60.17 -15.50 -3.62
N ARG F 222 60.04 -16.01 -2.39
CA ARG F 222 60.66 -15.37 -1.24
C ARG F 222 62.17 -15.36 -1.36
N VAL F 223 62.76 -14.17 -1.19
CA VAL F 223 64.19 -14.04 -0.98
C VAL F 223 64.51 -13.69 0.47
N VAL F 224 63.55 -13.15 1.22
CA VAL F 224 63.68 -12.90 2.65
C VAL F 224 62.52 -13.59 3.34
N ASP F 225 62.62 -13.72 4.67
CA ASP F 225 61.59 -14.39 5.44
C ASP F 225 60.48 -13.41 5.77
N PHE F 226 59.29 -13.66 5.25
CA PHE F 226 58.10 -12.89 5.60
C PHE F 226 56.88 -13.72 5.29
N LYS F 227 56.02 -13.89 6.29
CA LYS F 227 54.79 -14.67 6.15
C LYS F 227 53.60 -13.81 6.54
N PRO F 228 52.79 -13.37 5.58
CA PRO F 228 51.62 -12.55 5.94
C PRO F 228 50.59 -13.39 6.67
N GLU F 229 50.02 -12.81 7.73
CA GLU F 229 49.07 -13.54 8.57
C GLU F 229 47.82 -13.91 7.80
N PHE F 230 47.39 -13.08 6.85
CA PHE F 230 46.12 -13.26 6.15
C PHE F 230 46.37 -13.25 4.65
N VAL F 231 45.97 -14.32 3.98
CA VAL F 231 46.22 -14.50 2.56
C VAL F 231 44.90 -14.90 1.90
N CYS F 232 44.48 -14.13 0.89
CA CYS F 232 43.27 -14.47 0.16
C CYS F 232 43.53 -15.54 -0.88
N LEU F 233 44.50 -15.32 -1.75
CA LEU F 233 44.85 -16.27 -2.80
C LEU F 233 46.35 -16.56 -2.75
N THR F 234 46.70 -17.81 -3.03
CA THR F 234 48.08 -18.23 -3.16
C THR F 234 48.32 -18.65 -4.61
N ALA F 235 49.34 -18.06 -5.23
CA ALA F 235 49.60 -18.19 -6.66
C ALA F 235 51.02 -18.67 -6.90
N PRO F 236 51.29 -19.30 -8.05
CA PRO F 236 52.67 -19.69 -8.36
C PRO F 236 53.53 -18.50 -8.74
N THR F 237 54.83 -18.75 -8.96
CA THR F 237 55.78 -17.69 -9.27
C THR F 237 55.67 -17.31 -10.75
N ARG F 238 54.53 -16.70 -11.09
CA ARG F 238 54.33 -16.14 -12.41
C ARG F 238 53.68 -14.76 -12.26
N TYR F 239 53.93 -13.91 -13.25
CA TYR F 239 53.46 -12.53 -13.20
C TYR F 239 51.98 -12.47 -13.54
N VAL F 240 51.18 -11.89 -12.66
CA VAL F 240 49.73 -11.81 -12.84
C VAL F 240 49.32 -10.36 -13.06
N VAL F 241 48.18 -10.19 -13.72
CA VAL F 241 47.58 -8.89 -13.97
C VAL F 241 46.08 -9.00 -13.71
N GLY F 242 45.43 -7.85 -13.63
CA GLY F 242 44.01 -7.83 -13.39
C GLY F 242 43.69 -7.67 -11.91
N TYR F 243 42.52 -7.09 -11.63
CA TYR F 243 42.05 -6.80 -10.29
C TYR F 243 43.14 -6.22 -9.40
N GLY F 244 43.62 -5.02 -9.75
CA GLY F 244 44.67 -4.35 -9.01
C GLY F 244 46.06 -4.54 -9.56
N PHE F 245 46.28 -5.61 -10.32
CA PHE F 245 47.60 -5.89 -10.87
C PHE F 245 47.68 -5.42 -12.32
N GLU F 246 48.87 -4.99 -12.72
CA GLU F 246 49.01 -4.19 -13.93
C GLU F 246 50.36 -4.48 -14.59
N VAL F 247 50.48 -4.01 -15.82
CA VAL F 247 51.76 -3.78 -16.48
C VAL F 247 51.71 -2.37 -17.04
N ASN F 248 52.55 -1.49 -16.50
CA ASN F 248 52.50 -0.05 -16.80
C ASN F 248 51.07 0.48 -16.68
N ASP F 249 50.42 0.11 -15.58
CA ASP F 249 49.07 0.50 -15.19
C ASP F 249 47.98 -0.05 -16.10
N ARG F 250 48.32 -0.83 -17.11
CA ARG F 250 47.30 -1.46 -17.94
C ARG F 250 46.72 -2.69 -17.26
N TYR F 251 45.43 -2.94 -17.51
CA TYR F 251 44.66 -4.10 -17.04
C TYR F 251 44.31 -4.03 -15.57
N ARG F 252 44.61 -2.94 -14.88
CA ARG F 252 44.37 -2.88 -13.44
C ARG F 252 42.88 -2.92 -13.10
N ASN F 253 42.02 -2.48 -14.00
CA ASN F 253 40.59 -2.40 -13.76
C ASN F 253 39.84 -3.66 -14.16
N TYR F 254 40.54 -4.72 -14.53
CA TYR F 254 39.87 -5.96 -14.90
C TYR F 254 39.38 -6.69 -13.66
N ARG F 255 38.31 -7.47 -13.82
CA ARG F 255 37.67 -8.12 -12.69
C ARG F 255 38.27 -9.47 -12.34
N HIS F 256 39.14 -10.02 -13.20
CA HIS F 256 39.72 -11.34 -12.97
C HIS F 256 41.23 -11.24 -12.98
N VAL F 257 41.87 -12.19 -12.32
CA VAL F 257 43.33 -12.25 -12.22
C VAL F 257 43.80 -13.30 -13.23
N PHE F 258 44.66 -12.87 -14.15
CA PHE F 258 45.19 -13.72 -15.21
C PHE F 258 46.70 -13.84 -15.07
N VAL F 259 47.24 -14.93 -15.59
CA VAL F 259 48.67 -15.00 -15.86
C VAL F 259 48.93 -14.25 -17.16
N LEU F 260 49.84 -13.28 -17.11
CA LEU F 260 50.16 -12.51 -18.30
C LEU F 260 51.04 -13.32 -19.25
N LYS F 261 50.71 -13.25 -20.54
CA LYS F 261 51.58 -13.82 -21.56
C LYS F 261 52.93 -13.13 -21.51
N PRO F 262 54.04 -13.87 -21.48
CA PRO F 262 55.35 -13.21 -21.45
C PRO F 262 55.59 -12.24 -22.59
N GLU F 263 54.93 -12.45 -23.74
CA GLU F 263 55.07 -11.53 -24.87
C GLU F 263 54.51 -10.14 -24.57
N TYR F 264 53.61 -10.02 -23.60
CA TYR F 264 53.04 -8.74 -23.21
C TYR F 264 53.82 -8.05 -22.10
N ALA F 265 55.01 -8.56 -21.75
CA ALA F 265 55.74 -8.03 -20.60
C ALA F 265 56.15 -6.58 -20.83
N LYS F 266 56.77 -6.29 -21.97
CA LYS F 266 57.26 -4.96 -22.29
C LYS F 266 56.49 -4.33 -23.44
N ARG F 267 55.17 -4.52 -23.45
CA ARG F 267 54.37 -4.04 -24.58
C ARG F 267 54.04 -2.56 -24.50
N TYR F 268 53.99 -1.99 -23.29
CA TYR F 268 53.68 -0.58 -23.10
C TYR F 268 54.77 0.08 -22.27
N PRO F 269 55.95 0.30 -22.85
CA PRO F 269 57.09 0.81 -22.09
C PRO F 269 57.15 2.32 -21.95
N SER F 270 56.31 3.07 -22.65
CA SER F 270 56.40 4.53 -22.62
C SER F 270 55.99 5.08 -21.27
N LYS F 271 56.78 6.02 -20.75
CA LYS F 271 56.49 6.62 -19.46
C LYS F 271 55.14 7.32 -19.48
N LEU F 272 54.36 7.13 -18.41
CA LEU F 272 53.07 7.77 -18.28
C LEU F 272 53.20 9.11 -17.56
#